data_1F6U
#
_entry.id   1F6U
#
_cell.length_a   1.000
_cell.length_b   1.000
_cell.length_c   1.000
_cell.angle_alpha   90.00
_cell.angle_beta   90.00
_cell.angle_gamma   90.00
#
loop_
_entity.id
_entity.type
_entity.pdbx_description
1 polymer 'HIV-1 STEM-LOOP SL2 FROM PSI-RNA PACKAGING'
2 polymer 'HIV-1 NUCLEOCAPSID PROTEIN'
3 non-polymer 'ZINC ION'
#
loop_
_entity_poly.entity_id
_entity_poly.type
_entity_poly.pdbx_seq_one_letter_code
_entity_poly.pdbx_strand_id
1 'polyribonucleotide' (CG1)GCGACUGGUGAGUACGCC B
2 'polypeptide(L)' MQKGNFRNQRKTVKCFNCGKEGHIAKNCRAPRKKGCWKCGKEGHQMKDCTERQAN(NH2) A
#
# COMPACT_ATOMS: atom_id res chain seq x y z
N MET B 1 -13.97 -1.58 10.44
CA MET B 1 -13.30 -1.08 11.62
C MET B 1 -12.70 -2.22 12.43
N GLN B 2 -13.55 -3.17 12.79
CA GLN B 2 -13.12 -4.31 13.57
C GLN B 2 -12.08 -5.12 12.78
N LYS B 3 -11.23 -5.81 13.53
CA LYS B 3 -10.19 -6.63 12.92
C LYS B 3 -10.84 -7.72 12.07
N GLY B 4 -11.96 -8.22 12.56
CA GLY B 4 -12.69 -9.27 11.86
C GLY B 4 -13.10 -8.81 10.46
N ASN B 5 -13.10 -7.50 10.28
CA ASN B 5 -13.48 -6.91 9.00
C ASN B 5 -12.55 -7.45 7.92
N PHE B 6 -11.29 -7.63 8.30
CA PHE B 6 -10.29 -8.14 7.37
C PHE B 6 -10.68 -9.53 6.85
N ARG B 7 -11.65 -10.12 7.53
CA ARG B 7 -12.12 -11.45 7.16
C ARG B 7 -12.68 -11.43 5.73
N ASN B 8 -12.89 -10.22 5.24
CA ASN B 8 -13.41 -10.06 3.89
C ASN B 8 -12.47 -10.72 2.88
N GLN B 9 -11.26 -11.01 3.35
CA GLN B 9 -10.27 -11.64 2.51
C GLN B 9 -10.81 -12.94 1.93
N ARG B 10 -11.73 -13.54 2.67
CA ARG B 10 -12.33 -14.80 2.25
C ARG B 10 -12.95 -14.65 0.85
N LYS B 11 -13.25 -13.40 0.50
CA LYS B 11 -13.84 -13.11 -0.79
C LYS B 11 -13.08 -11.94 -1.43
N THR B 12 -11.77 -11.98 -1.30
CA THR B 12 -10.92 -10.94 -1.86
C THR B 12 -10.87 -9.73 -0.92
N VAL B 13 -9.65 -9.38 -0.55
CA VAL B 13 -9.45 -8.25 0.34
C VAL B 13 -9.10 -7.01 -0.49
N LYS B 14 -8.80 -5.92 0.22
CA LYS B 14 -8.45 -4.68 -0.44
C LYS B 14 -7.09 -4.19 0.09
N CYS B 15 -6.10 -4.29 -0.78
CA CYS B 15 -4.75 -3.86 -0.43
C CYS B 15 -4.74 -2.34 -0.32
N PHE B 16 -4.50 -1.86 0.89
CA PHE B 16 -4.45 -0.43 1.14
C PHE B 16 -3.09 0.15 0.77
N ASN B 17 -2.32 -0.63 0.03
CA ASN B 17 -0.99 -0.21 -0.39
C ASN B 17 -0.98 -0.06 -1.92
N CYS B 18 -1.30 -1.16 -2.59
CA CYS B 18 -1.31 -1.17 -4.03
C CYS B 18 -2.73 -0.84 -4.51
N GLY B 19 -3.69 -1.20 -3.67
CA GLY B 19 -5.09 -0.96 -3.97
C GLY B 19 -5.78 -2.22 -4.50
N LYS B 20 -4.99 -3.02 -5.21
CA LYS B 20 -5.51 -4.26 -5.77
C LYS B 20 -6.30 -5.01 -4.70
N GLU B 21 -6.97 -6.07 -5.14
CA GLU B 21 -7.76 -6.88 -4.23
C GLU B 21 -7.27 -8.32 -4.22
N GLY B 22 -7.62 -9.03 -3.15
CA GLY B 22 -7.20 -10.42 -3.01
C GLY B 22 -6.19 -10.57 -1.88
N HIS B 23 -5.40 -9.52 -1.69
CA HIS B 23 -4.38 -9.54 -0.65
C HIS B 23 -4.31 -8.15 0.00
N ILE B 24 -3.49 -8.07 1.05
CA ILE B 24 -3.31 -6.81 1.76
C ILE B 24 -1.84 -6.42 1.73
N ALA B 25 -1.60 -5.14 1.97
CA ALA B 25 -0.25 -4.62 1.97
C ALA B 25 0.61 -5.45 2.92
N LYS B 26 0.01 -5.81 4.04
CA LYS B 26 0.71 -6.61 5.04
C LYS B 26 1.55 -7.68 4.33
N ASN B 27 1.08 -8.07 3.16
CA ASN B 27 1.78 -9.08 2.38
C ASN B 27 1.51 -8.84 0.89
N CYS B 28 1.87 -7.65 0.45
CA CYS B 28 1.66 -7.29 -0.95
C CYS B 28 2.69 -8.06 -1.79
N ARG B 29 2.26 -8.41 -3.00
CA ARG B 29 3.13 -9.14 -3.91
C ARG B 29 3.89 -8.17 -4.82
N ALA B 30 3.94 -6.92 -4.38
CA ALA B 30 4.63 -5.89 -5.14
C ALA B 30 6.13 -6.17 -5.12
N PRO B 31 6.67 -6.51 -6.31
CA PRO B 31 8.09 -6.79 -6.43
C PRO B 31 8.93 -5.51 -6.38
N ARG B 32 8.65 -4.71 -5.35
CA ARG B 32 9.36 -3.46 -5.17
C ARG B 32 10.33 -3.55 -3.99
N LYS B 33 11.39 -2.77 -4.07
CA LYS B 33 12.40 -2.76 -3.03
C LYS B 33 12.10 -1.61 -2.05
N LYS B 34 12.08 -0.41 -2.59
CA LYS B 34 11.81 0.77 -1.79
C LYS B 34 11.53 1.96 -2.71
N GLY B 35 10.32 2.49 -2.59
CA GLY B 35 9.92 3.63 -3.40
C GLY B 35 8.74 4.37 -2.78
N CYS B 36 8.62 5.64 -3.12
CA CYS B 36 7.56 6.46 -2.59
C CYS B 36 6.25 6.06 -3.29
N TRP B 37 5.40 5.39 -2.52
CA TRP B 37 4.12 4.93 -3.05
C TRP B 37 3.10 6.06 -2.84
N LYS B 38 3.62 7.23 -2.49
CA LYS B 38 2.77 8.38 -2.25
C LYS B 38 2.77 9.27 -3.50
N CYS B 39 3.94 9.38 -4.11
CA CYS B 39 4.09 10.20 -5.30
C CYS B 39 4.29 9.26 -6.49
N GLY B 40 5.10 8.24 -6.29
CA GLY B 40 5.39 7.28 -7.34
C GLY B 40 6.85 7.37 -7.80
N LYS B 41 7.69 7.82 -6.89
CA LYS B 41 9.11 7.96 -7.18
C LYS B 41 9.90 6.98 -6.32
N GLU B 42 10.53 6.01 -7.00
CA GLU B 42 11.32 5.01 -6.30
C GLU B 42 12.61 5.63 -5.77
N GLY B 43 13.15 5.00 -4.74
CA GLY B 43 14.38 5.48 -4.13
C GLY B 43 14.11 6.03 -2.72
N HIS B 44 12.91 6.56 -2.55
CA HIS B 44 12.52 7.13 -1.27
C HIS B 44 11.13 6.60 -0.87
N GLN B 45 10.64 7.11 0.23
CA GLN B 45 9.33 6.70 0.72
C GLN B 45 8.47 7.93 1.04
N MET B 46 7.20 7.67 1.31
CA MET B 46 6.27 8.75 1.62
C MET B 46 6.78 9.59 2.79
N LYS B 47 7.20 8.90 3.84
CA LYS B 47 7.71 9.58 5.02
C LYS B 47 8.92 10.43 4.63
N ASP B 48 9.45 10.15 3.44
CA ASP B 48 10.60 10.89 2.95
C ASP B 48 10.25 11.49 1.59
N CYS B 49 8.97 11.78 1.41
CA CYS B 49 8.51 12.37 0.16
C CYS B 49 8.97 13.82 0.11
N THR B 50 9.18 14.30 -1.11
CA THR B 50 9.62 15.67 -1.31
C THR B 50 8.42 16.61 -1.42
N GLU B 51 7.30 16.04 -1.85
CA GLU B 51 6.08 16.82 -1.99
C GLU B 51 5.06 16.40 -0.93
N ARG B 52 5.48 16.51 0.33
CA ARG B 52 4.63 16.15 1.44
C ARG B 52 3.95 17.41 2.01
N GLN B 53 2.91 17.84 1.32
CA GLN B 53 2.17 19.02 1.75
C GLN B 53 3.13 20.07 2.29
N ALA B 54 4.17 20.34 1.52
CA ALA B 54 5.17 21.32 1.91
C ALA B 54 5.23 22.42 0.84
N ASN B 55 4.94 23.64 1.27
CA ASN B 55 4.97 24.77 0.37
C ASN B 55 6.33 25.46 0.46
N MET B 1 -12.17 0.63 10.41
CA MET B 1 -11.09 -0.18 9.87
C MET B 1 -10.46 -1.04 10.97
N GLN B 2 -11.30 -1.88 11.56
CA GLN B 2 -10.84 -2.77 12.62
C GLN B 2 -10.14 -3.99 12.02
N LYS B 3 -9.54 -4.77 12.90
CA LYS B 3 -8.83 -5.97 12.48
C LYS B 3 -9.80 -6.90 11.76
N GLY B 4 -10.98 -7.02 12.34
CA GLY B 4 -12.01 -7.89 11.77
C GLY B 4 -12.36 -7.45 10.35
N ASN B 5 -12.05 -6.20 10.05
CA ASN B 5 -12.32 -5.66 8.73
C ASN B 5 -11.61 -6.51 7.67
N PHE B 6 -10.42 -6.98 8.04
CA PHE B 6 -9.63 -7.79 7.13
C PHE B 6 -10.39 -9.07 6.75
N ARG B 7 -11.45 -9.33 7.50
CA ARG B 7 -12.27 -10.51 7.25
C ARG B 7 -12.82 -10.49 5.82
N ASN B 8 -12.75 -9.30 5.22
CA ASN B 8 -13.24 -9.13 3.86
C ASN B 8 -12.53 -10.12 2.93
N GLN B 9 -11.41 -10.63 3.41
CA GLN B 9 -10.63 -11.58 2.65
C GLN B 9 -11.50 -12.77 2.23
N ARG B 10 -12.52 -13.03 3.04
CA ARG B 10 -13.43 -14.12 2.77
C ARG B 10 -14.03 -13.98 1.37
N LYS B 11 -14.12 -12.75 0.91
CA LYS B 11 -14.67 -12.47 -0.40
C LYS B 11 -13.68 -11.60 -1.18
N THR B 12 -12.40 -11.89 -0.98
CA THR B 12 -11.35 -11.15 -1.66
C THR B 12 -11.12 -9.81 -0.97
N VAL B 13 -9.87 -9.59 -0.57
CA VAL B 13 -9.50 -8.36 0.10
C VAL B 13 -9.00 -7.35 -0.93
N LYS B 14 -8.57 -6.21 -0.43
CA LYS B 14 -8.06 -5.15 -1.31
C LYS B 14 -6.78 -4.58 -0.71
N CYS B 15 -5.76 -4.50 -1.55
CA CYS B 15 -4.47 -3.97 -1.12
C CYS B 15 -4.51 -2.44 -1.25
N PHE B 16 -4.50 -1.78 -0.10
CA PHE B 16 -4.53 -0.34 -0.07
C PHE B 16 -3.12 0.25 -0.16
N ASN B 17 -2.19 -0.61 -0.55
CA ASN B 17 -0.81 -0.19 -0.67
C ASN B 17 -0.41 -0.17 -2.16
N CYS B 18 -0.74 -1.27 -2.83
CA CYS B 18 -0.43 -1.38 -4.25
C CYS B 18 -1.74 -1.25 -5.03
N GLY B 19 -2.83 -1.60 -4.37
CA GLY B 19 -4.15 -1.51 -5.00
C GLY B 19 -4.68 -2.91 -5.31
N LYS B 20 -3.82 -3.73 -5.92
CA LYS B 20 -4.20 -5.08 -6.28
C LYS B 20 -5.09 -5.67 -5.18
N GLU B 21 -6.09 -6.42 -5.60
CA GLU B 21 -7.00 -7.06 -4.67
C GLU B 21 -6.67 -8.54 -4.51
N GLY B 22 -7.11 -9.10 -3.39
CA GLY B 22 -6.87 -10.51 -3.11
C GLY B 22 -5.97 -10.67 -1.89
N HIS B 23 -5.09 -9.71 -1.70
CA HIS B 23 -4.17 -9.74 -0.57
C HIS B 23 -4.11 -8.35 0.09
N ILE B 24 -3.32 -8.27 1.13
CA ILE B 24 -3.17 -7.01 1.86
C ILE B 24 -1.72 -6.54 1.76
N ALA B 25 -1.55 -5.23 1.90
CA ALA B 25 -0.22 -4.64 1.83
C ALA B 25 0.72 -5.38 2.77
N LYS B 26 0.17 -5.77 3.92
CA LYS B 26 0.95 -6.49 4.91
C LYS B 26 1.87 -7.49 4.21
N ASN B 27 1.40 -7.98 3.07
CA ASN B 27 2.17 -8.94 2.30
C ASN B 27 1.86 -8.76 0.81
N CYS B 28 2.10 -7.54 0.34
CA CYS B 28 1.84 -7.22 -1.05
C CYS B 28 2.89 -7.95 -1.91
N ARG B 29 2.48 -8.30 -3.11
CA ARG B 29 3.37 -8.99 -4.04
C ARG B 29 4.64 -8.16 -4.28
N ALA B 30 4.55 -6.89 -3.92
CA ALA B 30 5.68 -5.99 -4.09
C ALA B 30 6.97 -6.73 -3.73
N PRO B 31 7.70 -7.19 -4.79
CA PRO B 31 8.94 -7.90 -4.59
C PRO B 31 10.07 -6.95 -4.20
N ARG B 32 9.77 -6.12 -3.20
CA ARG B 32 10.75 -5.16 -2.72
C ARG B 32 10.92 -4.02 -3.73
N LYS B 33 10.67 -2.81 -3.25
CA LYS B 33 10.78 -1.62 -4.09
C LYS B 33 10.22 -0.42 -3.35
N LYS B 34 8.96 -0.52 -2.97
CA LYS B 34 8.28 0.55 -2.25
C LYS B 34 8.24 1.80 -3.14
N GLY B 35 7.04 2.33 -3.29
CA GLY B 35 6.86 3.53 -4.10
C GLY B 35 6.02 4.57 -3.36
N CYS B 36 6.67 5.67 -3.04
CA CYS B 36 6.00 6.75 -2.32
C CYS B 36 4.95 7.36 -3.25
N TRP B 37 3.69 7.09 -2.94
CA TRP B 37 2.60 7.61 -3.75
C TRP B 37 2.16 8.94 -3.14
N LYS B 38 3.06 9.54 -2.38
CA LYS B 38 2.79 10.81 -1.74
C LYS B 38 3.62 11.91 -2.41
N CYS B 39 4.81 11.52 -2.82
CA CYS B 39 5.72 12.46 -3.48
C CYS B 39 5.81 12.07 -4.96
N GLY B 40 5.73 10.78 -5.21
CA GLY B 40 5.81 10.26 -6.56
C GLY B 40 7.22 9.75 -6.87
N LYS B 41 7.90 9.31 -5.83
CA LYS B 41 9.25 8.80 -5.97
C LYS B 41 9.29 7.34 -5.52
N GLU B 42 10.00 6.53 -6.28
CA GLU B 42 10.13 5.12 -5.97
C GLU B 42 11.37 4.87 -5.11
N GLY B 43 11.40 3.69 -4.50
CA GLY B 43 12.53 3.33 -3.65
C GLY B 43 12.31 3.81 -2.22
N HIS B 44 11.07 4.21 -1.95
CA HIS B 44 10.72 4.70 -0.63
C HIS B 44 9.21 4.94 -0.55
N GLN B 45 8.76 5.28 0.65
CA GLN B 45 7.35 5.55 0.86
C GLN B 45 7.16 6.87 1.60
N MET B 46 5.92 7.33 1.62
CA MET B 46 5.59 8.58 2.29
C MET B 46 6.09 8.57 3.74
N LYS B 47 5.75 7.50 4.44
CA LYS B 47 6.14 7.36 5.83
C LYS B 47 7.66 7.53 5.94
N ASP B 48 8.34 7.32 4.82
CA ASP B 48 9.78 7.44 4.78
C ASP B 48 10.17 8.43 3.67
N CYS B 49 9.36 9.47 3.55
CA CYS B 49 9.61 10.49 2.53
C CYS B 49 10.83 11.29 2.96
N THR B 50 11.38 12.03 2.00
CA THR B 50 12.55 12.84 2.25
C THR B 50 12.23 14.32 2.04
N GLU B 51 11.03 14.57 1.56
CA GLU B 51 10.59 15.93 1.30
C GLU B 51 10.10 16.57 2.61
N ARG B 52 9.09 15.95 3.19
CA ARG B 52 8.52 16.44 4.44
C ARG B 52 7.97 17.85 4.24
N GLN B 53 7.10 18.24 5.16
CA GLN B 53 6.49 19.56 5.10
C GLN B 53 6.14 20.05 6.50
N ALA B 54 6.21 21.36 6.68
CA ALA B 54 5.90 21.97 7.97
C ALA B 54 5.21 23.32 7.74
N ASN B 55 4.36 23.67 8.67
CA ASN B 55 3.63 24.93 8.59
C ASN B 55 2.88 25.18 9.90
N MET B 1 -14.19 -3.04 15.65
CA MET B 1 -13.06 -3.21 14.76
C MET B 1 -13.36 -4.26 13.69
N GLN B 2 -13.71 -5.44 14.16
CA GLN B 2 -14.03 -6.55 13.26
C GLN B 2 -12.76 -7.01 12.53
N LYS B 3 -11.78 -7.42 13.30
CA LYS B 3 -10.53 -7.89 12.75
C LYS B 3 -10.79 -9.11 11.86
N GLY B 4 -11.62 -10.00 12.38
CA GLY B 4 -11.97 -11.21 11.66
C GLY B 4 -12.65 -10.89 10.32
N ASN B 5 -13.06 -9.63 10.20
CA ASN B 5 -13.72 -9.17 8.99
C ASN B 5 -12.81 -9.42 7.79
N PHE B 6 -11.53 -9.49 8.07
CA PHE B 6 -10.55 -9.73 7.02
C PHE B 6 -10.82 -11.05 6.30
N ARG B 7 -11.67 -11.86 6.92
CA ARG B 7 -12.02 -13.15 6.36
C ARG B 7 -12.58 -12.98 4.94
N ASN B 8 -12.97 -11.74 4.64
CA ASN B 8 -13.52 -11.43 3.33
C ASN B 8 -12.47 -11.74 2.25
N GLN B 9 -11.24 -11.96 2.72
CA GLN B 9 -10.15 -12.25 1.80
C GLN B 9 -10.50 -13.47 0.94
N ARG B 10 -11.30 -14.36 1.51
CA ARG B 10 -11.71 -15.56 0.81
C ARG B 10 -12.39 -15.19 -0.51
N LYS B 11 -12.80 -13.93 -0.60
CA LYS B 11 -13.46 -13.43 -1.79
C LYS B 11 -12.80 -12.12 -2.23
N THR B 12 -11.47 -12.13 -2.19
CA THR B 12 -10.72 -10.95 -2.59
C THR B 12 -10.80 -9.88 -1.49
N VAL B 13 -9.74 -9.09 -1.41
CA VAL B 13 -9.68 -8.03 -0.42
C VAL B 13 -9.18 -6.74 -1.08
N LYS B 14 -9.01 -5.71 -0.27
CA LYS B 14 -8.55 -4.43 -0.77
C LYS B 14 -7.25 -4.06 -0.05
N CYS B 15 -6.21 -3.85 -0.84
CA CYS B 15 -4.91 -3.49 -0.30
C CYS B 15 -4.99 -2.05 0.23
N PHE B 16 -4.95 -1.94 1.54
CA PHE B 16 -5.02 -0.64 2.19
C PHE B 16 -3.74 0.17 1.93
N ASN B 17 -2.89 -0.39 1.09
CA ASN B 17 -1.63 0.26 0.74
C ASN B 17 -1.62 0.61 -0.75
N CYS B 18 -1.30 -0.39 -1.55
CA CYS B 18 -1.24 -0.20 -2.99
C CYS B 18 -2.66 0.12 -3.49
N GLY B 19 -3.63 -0.37 -2.73
CA GLY B 19 -5.03 -0.14 -3.07
C GLY B 19 -5.61 -1.34 -3.85
N LYS B 20 -4.76 -1.92 -4.68
CA LYS B 20 -5.17 -3.07 -5.48
C LYS B 20 -5.82 -4.11 -4.56
N GLU B 21 -6.78 -4.82 -5.14
CA GLU B 21 -7.49 -5.86 -4.39
C GLU B 21 -6.82 -7.21 -4.61
N GLY B 22 -7.18 -8.15 -3.75
CA GLY B 22 -6.64 -9.50 -3.84
C GLY B 22 -5.81 -9.84 -2.59
N HIS B 23 -5.17 -8.81 -2.04
CA HIS B 23 -4.35 -8.98 -0.86
C HIS B 23 -4.39 -7.70 -0.02
N ILE B 24 -3.64 -7.73 1.07
CA ILE B 24 -3.59 -6.58 1.97
C ILE B 24 -2.14 -6.08 2.05
N ALA B 25 -2.02 -4.82 2.46
CA ALA B 25 -0.71 -4.20 2.58
C ALA B 25 0.17 -5.07 3.49
N LYS B 26 -0.45 -5.64 4.51
CA LYS B 26 0.25 -6.49 5.44
C LYS B 26 1.23 -7.38 4.68
N ASN B 27 0.87 -7.68 3.44
CA ASN B 27 1.70 -8.52 2.60
C ASN B 27 1.52 -8.11 1.14
N CYS B 28 1.77 -6.83 0.87
CA CYS B 28 1.63 -6.31 -0.47
C CYS B 28 2.77 -6.87 -1.33
N ARG B 29 2.49 -7.02 -2.61
CA ARG B 29 3.49 -7.54 -3.55
C ARG B 29 3.82 -6.49 -4.60
N ALA B 30 3.80 -5.24 -4.18
CA ALA B 30 4.09 -4.14 -5.09
C ALA B 30 5.27 -4.52 -5.98
N PRO B 31 5.19 -4.07 -7.26
CA PRO B 31 6.24 -4.35 -8.23
C PRO B 31 7.47 -3.50 -7.96
N ARG B 32 7.89 -3.50 -6.70
CA ARG B 32 9.06 -2.73 -6.30
C ARG B 32 9.40 -3.00 -4.84
N LYS B 33 10.69 -3.01 -4.56
CA LYS B 33 11.16 -3.26 -3.20
C LYS B 33 10.87 -2.03 -2.33
N LYS B 34 11.44 -0.91 -2.74
CA LYS B 34 11.26 0.34 -2.01
C LYS B 34 10.85 1.43 -2.99
N GLY B 35 9.64 1.94 -2.79
CA GLY B 35 9.12 3.00 -3.65
C GLY B 35 8.18 3.91 -2.86
N CYS B 36 8.17 5.18 -3.27
CA CYS B 36 7.32 6.17 -2.62
C CYS B 36 5.88 5.95 -3.09
N TRP B 37 5.08 5.39 -2.19
CA TRP B 37 3.69 5.13 -2.49
C TRP B 37 2.88 6.37 -2.14
N LYS B 38 3.60 7.45 -1.92
CA LYS B 38 2.96 8.72 -1.57
C LYS B 38 2.90 9.61 -2.81
N CYS B 39 3.94 9.52 -3.62
CA CYS B 39 4.02 10.30 -4.84
C CYS B 39 3.88 9.36 -6.03
N GLY B 40 4.60 8.25 -5.95
CA GLY B 40 4.58 7.27 -7.02
C GLY B 40 5.93 7.17 -7.71
N LYS B 41 6.97 7.45 -6.94
CA LYS B 41 8.33 7.40 -7.48
C LYS B 41 9.13 6.33 -6.72
N GLU B 42 9.65 5.38 -7.47
CA GLU B 42 10.43 4.29 -6.89
C GLU B 42 11.83 4.79 -6.54
N GLY B 43 12.46 4.08 -5.63
CA GLY B 43 13.81 4.43 -5.20
C GLY B 43 13.80 5.02 -3.79
N HIS B 44 12.67 5.62 -3.44
CA HIS B 44 12.51 6.23 -2.13
C HIS B 44 11.15 5.86 -1.55
N GLN B 45 10.87 6.40 -0.38
CA GLN B 45 9.61 6.13 0.29
C GLN B 45 8.93 7.44 0.70
N MET B 46 7.70 7.31 1.18
CA MET B 46 6.94 8.47 1.61
C MET B 46 7.72 9.30 2.62
N LYS B 47 8.21 8.62 3.65
CA LYS B 47 8.97 9.28 4.69
C LYS B 47 10.24 9.89 4.08
N ASP B 48 10.51 9.49 2.85
CA ASP B 48 11.68 9.99 2.15
C ASP B 48 11.24 10.71 0.87
N CYS B 49 10.00 11.17 0.90
CA CYS B 49 9.44 11.88 -0.24
C CYS B 49 10.10 13.26 -0.31
N THR B 50 10.08 13.84 -1.50
CA THR B 50 10.67 15.14 -1.72
C THR B 50 9.86 15.93 -2.76
N GLU B 51 8.60 15.52 -2.93
CA GLU B 51 7.72 16.17 -3.88
C GLU B 51 7.12 17.44 -3.27
N ARG B 52 6.85 17.36 -1.98
CA ARG B 52 6.28 18.49 -1.27
C ARG B 52 6.96 19.78 -1.68
N GLN B 53 6.26 20.54 -2.52
CA GLN B 53 6.78 21.80 -3.01
C GLN B 53 5.76 22.50 -3.90
N ALA B 54 4.60 22.78 -3.31
CA ALA B 54 3.53 23.44 -4.05
C ALA B 54 3.51 24.92 -3.67
N ASN B 55 3.27 25.17 -2.39
CA ASN B 55 3.21 26.54 -1.89
C ASN B 55 2.16 27.32 -2.68
N MET B 1 -12.98 0.92 10.38
CA MET B 1 -13.37 -0.44 10.07
C MET B 1 -12.73 -1.44 11.03
N GLN B 2 -13.51 -2.45 11.40
CA GLN B 2 -13.02 -3.47 12.31
C GLN B 2 -11.82 -4.19 11.70
N LYS B 3 -10.86 -4.51 12.57
CA LYS B 3 -9.67 -5.20 12.14
C LYS B 3 -10.05 -6.56 11.52
N GLY B 4 -10.94 -7.25 12.23
CA GLY B 4 -11.40 -8.55 11.77
C GLY B 4 -12.07 -8.45 10.40
N ASN B 5 -12.37 -7.21 10.02
CA ASN B 5 -13.02 -6.97 8.74
C ASN B 5 -12.17 -7.57 7.62
N PHE B 6 -10.90 -7.80 7.94
CA PHE B 6 -9.97 -8.36 6.97
C PHE B 6 -10.44 -9.74 6.50
N ARG B 7 -11.40 -10.29 7.24
CA ARG B 7 -11.93 -11.59 6.90
C ARG B 7 -12.62 -11.55 5.53
N ASN B 8 -12.80 -10.34 5.04
CA ASN B 8 -13.43 -10.14 3.74
C ASN B 8 -12.59 -10.83 2.66
N GLN B 9 -11.37 -11.18 3.04
CA GLN B 9 -10.47 -11.84 2.11
C GLN B 9 -11.12 -13.10 1.54
N ARG B 10 -12.03 -13.65 2.32
CA ARG B 10 -12.74 -14.86 1.91
C ARG B 10 -13.37 -14.65 0.53
N LYS B 11 -13.64 -13.40 0.21
CA LYS B 11 -14.23 -13.06 -1.06
C LYS B 11 -13.44 -11.91 -1.71
N THR B 12 -12.13 -12.02 -1.63
CA THR B 12 -11.26 -11.02 -2.19
C THR B 12 -11.07 -9.86 -1.21
N VAL B 13 -9.82 -9.59 -0.88
CA VAL B 13 -9.49 -8.52 0.05
C VAL B 13 -9.07 -7.28 -0.74
N LYS B 14 -8.64 -6.27 0.00
CA LYS B 14 -8.21 -5.02 -0.62
C LYS B 14 -6.89 -4.57 0.02
N CYS B 15 -5.91 -4.30 -0.83
CA CYS B 15 -4.61 -3.86 -0.36
C CYS B 15 -4.62 -2.33 -0.28
N PHE B 16 -4.47 -1.83 0.93
CA PHE B 16 -4.48 -0.39 1.16
C PHE B 16 -3.06 0.19 0.96
N ASN B 17 -2.24 -0.58 0.27
CA ASN B 17 -0.87 -0.16 0.00
C ASN B 17 -0.68 0.00 -1.51
N CYS B 18 -1.01 -1.05 -2.24
CA CYS B 18 -0.87 -1.04 -3.68
C CYS B 18 -2.22 -0.63 -4.28
N GLY B 19 -3.28 -0.92 -3.53
CA GLY B 19 -4.63 -0.60 -3.98
C GLY B 19 -5.17 -1.69 -4.90
N LYS B 20 -4.79 -2.92 -4.62
CA LYS B 20 -5.23 -4.05 -5.41
C LYS B 20 -5.94 -5.06 -4.51
N GLU B 21 -6.95 -5.71 -5.07
CA GLU B 21 -7.71 -6.69 -4.33
C GLU B 21 -7.07 -8.07 -4.46
N GLY B 22 -7.38 -8.93 -3.50
CA GLY B 22 -6.84 -10.28 -3.50
C GLY B 22 -5.90 -10.49 -2.32
N HIS B 23 -5.22 -9.43 -1.95
CA HIS B 23 -4.29 -9.48 -0.83
C HIS B 23 -4.26 -8.13 -0.11
N ILE B 24 -3.54 -8.11 1.00
CA ILE B 24 -3.43 -6.88 1.79
C ILE B 24 -1.96 -6.46 1.86
N ALA B 25 -1.77 -5.19 2.17
CA ALA B 25 -0.42 -4.64 2.27
C ALA B 25 0.41 -5.51 3.23
N LYS B 26 -0.25 -5.97 4.28
CA LYS B 26 0.42 -6.79 5.27
C LYS B 26 1.33 -7.79 4.56
N ASN B 27 0.94 -8.13 3.33
CA ASN B 27 1.71 -9.08 2.54
C ASN B 27 1.53 -8.75 1.06
N CYS B 28 1.87 -7.53 0.71
CA CYS B 28 1.74 -7.08 -0.68
C CYS B 28 2.84 -7.76 -1.50
N ARG B 29 2.48 -8.10 -2.73
CA ARG B 29 3.42 -8.76 -3.63
C ARG B 29 3.87 -7.80 -4.72
N ALA B 30 3.87 -6.52 -4.38
CA ALA B 30 4.27 -5.49 -5.33
C ALA B 30 5.76 -5.64 -5.62
N PRO B 31 6.06 -6.01 -6.90
CA PRO B 31 7.44 -6.19 -7.32
C PRO B 31 8.13 -4.84 -7.53
N ARG B 32 8.02 -4.00 -6.51
CA ARG B 32 8.62 -2.68 -6.56
C ARG B 32 10.07 -2.74 -6.07
N LYS B 33 10.71 -1.58 -6.07
CA LYS B 33 12.09 -1.49 -5.63
C LYS B 33 12.26 -0.23 -4.78
N LYS B 34 11.35 -0.06 -3.84
CA LYS B 34 11.39 1.09 -2.95
C LYS B 34 11.05 2.35 -3.74
N GLY B 35 9.91 2.93 -3.39
CA GLY B 35 9.44 4.14 -4.06
C GLY B 35 8.35 4.83 -3.26
N CYS B 36 8.26 6.14 -3.42
CA CYS B 36 7.26 6.92 -2.73
C CYS B 36 5.89 6.60 -3.32
N TRP B 37 5.11 5.83 -2.56
CA TRP B 37 3.78 5.45 -3.01
C TRP B 37 2.80 6.53 -2.55
N LYS B 38 3.36 7.66 -2.16
CA LYS B 38 2.54 8.78 -1.70
C LYS B 38 2.44 9.83 -2.81
N CYS B 39 3.53 9.95 -3.56
CA CYS B 39 3.58 10.90 -4.65
C CYS B 39 3.60 10.13 -5.97
N GLY B 40 4.42 9.09 -6.00
CA GLY B 40 4.54 8.27 -7.19
C GLY B 40 5.95 8.37 -7.79
N LYS B 41 6.91 8.61 -6.93
CA LYS B 41 8.29 8.74 -7.36
C LYS B 41 9.14 7.67 -6.66
N GLU B 42 9.69 6.78 -7.47
CA GLU B 42 10.52 5.71 -6.95
C GLU B 42 11.87 6.26 -6.50
N GLY B 43 12.52 5.52 -5.62
CA GLY B 43 13.82 5.91 -5.11
C GLY B 43 13.72 6.34 -3.64
N HIS B 44 12.57 6.87 -3.29
CA HIS B 44 12.34 7.32 -1.92
C HIS B 44 11.00 6.77 -1.42
N GLN B 45 10.63 7.21 -0.23
CA GLN B 45 9.38 6.78 0.37
C GLN B 45 8.59 7.98 0.89
N MET B 46 7.34 7.72 1.25
CA MET B 46 6.47 8.77 1.75
C MET B 46 7.13 9.51 2.92
N LYS B 47 7.76 8.73 3.79
CA LYS B 47 8.44 9.29 4.95
C LYS B 47 9.41 10.37 4.50
N ASP B 48 9.90 10.22 3.28
CA ASP B 48 10.84 11.17 2.71
C ASP B 48 10.29 11.70 1.38
N CYS B 49 8.97 11.74 1.30
CA CYS B 49 8.30 12.21 0.10
C CYS B 49 8.95 13.53 -0.32
N THR B 50 9.10 13.71 -1.62
CA THR B 50 9.70 14.92 -2.15
C THR B 50 8.79 15.53 -3.22
N GLU B 51 7.64 14.90 -3.41
CA GLU B 51 6.68 15.38 -4.39
C GLU B 51 7.41 15.90 -5.64
N ARG B 52 8.02 14.97 -6.37
CA ARG B 52 8.74 15.31 -7.57
C ARG B 52 7.77 15.49 -8.75
N GLN B 53 7.47 16.74 -9.04
CA GLN B 53 6.56 17.06 -10.13
C GLN B 53 5.18 16.45 -9.86
N ALA B 54 4.15 17.21 -10.22
CA ALA B 54 2.79 16.77 -10.02
C ALA B 54 2.00 16.98 -11.31
N ASN B 55 0.81 16.38 -11.36
CA ASN B 55 -0.05 16.50 -12.52
C ASN B 55 -1.49 16.72 -12.06
N MET B 1 -12.61 -1.74 13.26
CA MET B 1 -13.97 -1.69 13.75
C MET B 1 -14.53 -3.10 13.96
N GLN B 2 -14.48 -3.88 12.90
CA GLN B 2 -14.97 -5.24 12.94
C GLN B 2 -13.93 -6.21 12.38
N LYS B 3 -13.34 -6.99 13.28
CA LYS B 3 -12.32 -7.95 12.89
C LYS B 3 -12.91 -8.92 11.87
N GLY B 4 -14.16 -9.31 12.12
CA GLY B 4 -14.84 -10.23 11.24
C GLY B 4 -14.94 -9.67 9.81
N ASN B 5 -14.89 -8.36 9.73
CA ASN B 5 -14.95 -7.68 8.45
C ASN B 5 -13.82 -8.19 7.55
N PHE B 6 -12.69 -8.46 8.18
CA PHE B 6 -11.53 -8.95 7.44
C PHE B 6 -11.85 -10.24 6.71
N ARG B 7 -12.85 -10.95 7.22
CA ARG B 7 -13.27 -12.21 6.63
C ARG B 7 -13.76 -11.98 5.20
N ASN B 8 -13.95 -10.71 4.87
CA ASN B 8 -14.41 -10.35 3.53
C ASN B 8 -13.40 -10.86 2.50
N GLN B 9 -12.22 -11.20 2.98
CA GLN B 9 -11.18 -11.70 2.11
C GLN B 9 -11.66 -12.93 1.36
N ARG B 10 -12.52 -13.70 2.02
CA ARG B 10 -13.06 -14.91 1.42
C ARG B 10 -13.76 -14.58 0.10
N LYS B 11 -14.09 -13.31 -0.05
CA LYS B 11 -14.76 -12.85 -1.26
C LYS B 11 -14.03 -11.63 -1.81
N THR B 12 -12.71 -11.70 -1.78
CA THR B 12 -11.88 -10.61 -2.27
C THR B 12 -11.68 -9.56 -1.18
N VAL B 13 -10.47 -9.03 -1.14
CA VAL B 13 -10.13 -8.02 -0.15
C VAL B 13 -9.62 -6.77 -0.86
N LYS B 14 -9.49 -5.69 -0.09
CA LYS B 14 -9.00 -4.43 -0.63
C LYS B 14 -7.68 -4.08 0.04
N CYS B 15 -6.67 -3.86 -0.80
CA CYS B 15 -5.35 -3.50 -0.30
C CYS B 15 -5.29 -1.98 -0.15
N PHE B 16 -5.14 -1.56 1.11
CA PHE B 16 -5.07 -0.14 1.41
C PHE B 16 -3.64 0.39 1.20
N ASN B 17 -2.84 -0.42 0.52
CA ASN B 17 -1.46 -0.04 0.25
C ASN B 17 -1.28 0.15 -1.26
N CYS B 18 -1.60 -0.89 -2.01
CA CYS B 18 -1.47 -0.85 -3.45
C CYS B 18 -2.83 -0.43 -4.04
N GLY B 19 -3.89 -0.82 -3.33
CA GLY B 19 -5.22 -0.50 -3.77
C GLY B 19 -5.91 -1.72 -4.38
N LYS B 20 -5.12 -2.51 -5.09
CA LYS B 20 -5.63 -3.70 -5.73
C LYS B 20 -6.46 -4.51 -4.72
N GLU B 21 -7.05 -5.58 -5.21
CA GLU B 21 -7.86 -6.44 -4.36
C GLU B 21 -7.37 -7.89 -4.43
N GLY B 22 -7.78 -8.67 -3.44
CA GLY B 22 -7.38 -10.06 -3.37
C GLY B 22 -6.52 -10.33 -2.15
N HIS B 23 -5.73 -9.32 -1.79
CA HIS B 23 -4.84 -9.43 -0.65
C HIS B 23 -4.86 -8.12 0.14
N ILE B 24 -4.05 -8.09 1.19
CA ILE B 24 -3.96 -6.91 2.03
C ILE B 24 -2.51 -6.42 2.07
N ALA B 25 -2.35 -5.15 2.40
CA ALA B 25 -1.02 -4.55 2.48
C ALA B 25 -0.13 -5.41 3.37
N LYS B 26 -0.75 -5.97 4.42
CA LYS B 26 -0.03 -6.81 5.35
C LYS B 26 0.93 -7.72 4.58
N ASN B 27 0.52 -8.07 3.38
CA ASN B 27 1.33 -8.93 2.53
C ASN B 27 1.10 -8.56 1.06
N CYS B 28 1.34 -7.28 0.76
CA CYS B 28 1.16 -6.80 -0.60
C CYS B 28 2.28 -7.37 -1.47
N ARG B 29 1.94 -7.61 -2.73
CA ARG B 29 2.90 -8.16 -3.67
C ARG B 29 3.27 -7.11 -4.72
N ALA B 30 3.21 -5.85 -4.32
CA ALA B 30 3.54 -4.76 -5.21
C ALA B 30 4.76 -5.13 -6.05
N PRO B 31 4.71 -4.73 -7.35
CA PRO B 31 5.81 -5.02 -8.26
C PRO B 31 7.00 -4.10 -7.99
N ARG B 32 7.37 -4.03 -6.72
CA ARG B 32 8.50 -3.20 -6.31
C ARG B 32 8.96 -3.59 -4.91
N LYS B 33 10.24 -3.33 -4.65
CA LYS B 33 10.82 -3.64 -3.36
C LYS B 33 10.59 -2.47 -2.40
N LYS B 34 11.29 -1.38 -2.67
CA LYS B 34 11.17 -0.19 -1.84
C LYS B 34 11.02 1.04 -2.74
N GLY B 35 9.87 1.69 -2.62
CA GLY B 35 9.60 2.88 -3.42
C GLY B 35 8.54 3.76 -2.73
N CYS B 36 8.54 5.02 -3.13
CA CYS B 36 7.60 5.97 -2.56
C CYS B 36 6.22 5.72 -3.20
N TRP B 37 5.34 5.13 -2.40
CA TRP B 37 4.00 4.83 -2.88
C TRP B 37 3.12 6.05 -2.59
N LYS B 38 3.77 7.15 -2.28
CA LYS B 38 3.05 8.39 -1.99
C LYS B 38 3.12 9.31 -3.20
N CYS B 39 4.26 9.27 -3.88
CA CYS B 39 4.46 10.10 -5.07
C CYS B 39 4.49 9.19 -6.29
N GLY B 40 5.19 8.07 -6.14
CA GLY B 40 5.32 7.11 -7.22
C GLY B 40 6.75 7.04 -7.73
N LYS B 41 7.69 7.32 -6.84
CA LYS B 41 9.10 7.30 -7.18
C LYS B 41 9.81 6.24 -6.34
N GLU B 42 10.26 5.19 -7.01
CA GLU B 42 10.96 4.11 -6.33
C GLU B 42 12.34 4.58 -5.86
N GLY B 43 12.84 3.90 -4.83
CA GLY B 43 14.13 4.23 -4.28
C GLY B 43 14.00 4.85 -2.89
N HIS B 44 12.87 5.52 -2.68
CA HIS B 44 12.60 6.17 -1.41
C HIS B 44 11.19 5.80 -0.95
N GLN B 45 10.80 6.39 0.19
CA GLN B 45 9.48 6.14 0.74
C GLN B 45 8.80 7.46 1.10
N MET B 46 7.51 7.37 1.37
CA MET B 46 6.74 8.54 1.73
C MET B 46 7.39 9.30 2.89
N LYS B 47 7.68 8.57 3.94
CA LYS B 47 8.31 9.15 5.12
C LYS B 47 9.59 9.87 4.70
N ASP B 48 10.08 9.51 3.52
CA ASP B 48 11.29 10.12 3.00
C ASP B 48 11.01 10.70 1.61
N CYS B 49 9.82 11.28 1.48
CA CYS B 49 9.43 11.88 0.22
C CYS B 49 10.02 13.28 0.14
N THR B 50 10.31 13.70 -1.08
CA THR B 50 10.89 15.02 -1.31
C THR B 50 9.79 16.09 -1.29
N GLU B 51 8.61 15.68 -1.72
CA GLU B 51 7.48 16.59 -1.76
C GLU B 51 6.99 16.89 -0.34
N ARG B 52 6.59 15.82 0.34
CA ARG B 52 6.09 15.94 1.71
C ARG B 52 6.61 14.79 2.56
N GLN B 53 7.56 15.11 3.42
CA GLN B 53 8.14 14.11 4.31
C GLN B 53 7.50 14.18 5.69
N ALA B 54 7.67 13.10 6.45
CA ALA B 54 7.11 13.03 7.79
C ALA B 54 8.18 12.52 8.76
N ASN B 55 7.92 12.74 10.03
CA ASN B 55 8.84 12.30 11.06
C ASN B 55 10.24 12.86 10.77
N MET B 1 -16.85 -4.26 10.77
CA MET B 1 -17.08 -4.35 12.20
C MET B 1 -16.13 -5.35 12.85
N GLN B 2 -15.18 -4.82 13.60
CA GLN B 2 -14.20 -5.65 14.27
C GLN B 2 -13.21 -6.24 13.27
N LYS B 3 -12.09 -6.69 13.80
CA LYS B 3 -11.05 -7.28 12.96
C LYS B 3 -11.62 -8.49 12.21
N GLY B 4 -12.59 -9.14 12.85
CA GLY B 4 -13.23 -10.29 12.26
C GLY B 4 -13.87 -9.94 10.92
N ASN B 5 -14.25 -8.68 10.80
CA ASN B 5 -14.89 -8.20 9.57
C ASN B 5 -13.95 -8.44 8.40
N PHE B 6 -12.67 -8.52 8.71
CA PHE B 6 -11.65 -8.75 7.68
C PHE B 6 -11.90 -10.08 6.96
N ARG B 7 -12.73 -10.92 7.60
CA ARG B 7 -13.04 -12.21 7.04
C ARG B 7 -13.67 -12.05 5.65
N ASN B 8 -14.11 -10.84 5.36
CA ASN B 8 -14.72 -10.54 4.09
C ASN B 8 -13.74 -10.88 2.95
N GLN B 9 -12.48 -10.99 3.33
CA GLN B 9 -11.43 -11.31 2.37
C GLN B 9 -11.75 -12.64 1.67
N ARG B 10 -12.41 -13.52 2.41
CA ARG B 10 -12.77 -14.81 1.86
C ARG B 10 -13.37 -14.66 0.46
N LYS B 11 -13.91 -13.48 0.21
CA LYS B 11 -14.52 -13.19 -1.08
C LYS B 11 -13.67 -12.14 -1.81
N THR B 12 -12.91 -11.39 -1.02
CA THR B 12 -12.05 -10.37 -1.58
C THR B 12 -11.64 -9.37 -0.50
N VAL B 13 -10.38 -8.94 -0.57
CA VAL B 13 -9.86 -7.99 0.40
C VAL B 13 -9.36 -6.75 -0.34
N LYS B 14 -8.99 -5.75 0.44
CA LYS B 14 -8.50 -4.50 -0.11
C LYS B 14 -7.06 -4.26 0.36
N CYS B 15 -6.17 -4.11 -0.62
CA CYS B 15 -4.77 -3.87 -0.31
C CYS B 15 -4.58 -2.39 0.00
N PHE B 16 -4.29 -2.11 1.26
CA PHE B 16 -4.09 -0.74 1.70
C PHE B 16 -2.77 -0.19 1.16
N ASN B 17 -2.17 -0.94 0.26
CA ASN B 17 -0.91 -0.54 -0.34
C ASN B 17 -1.08 -0.39 -1.85
N CYS B 18 -1.02 -1.52 -2.53
CA CYS B 18 -1.18 -1.52 -3.98
C CYS B 18 -2.59 -1.03 -4.31
N GLY B 19 -3.48 -1.20 -3.35
CA GLY B 19 -4.87 -0.79 -3.53
C GLY B 19 -5.71 -1.91 -4.13
N LYS B 20 -5.05 -2.74 -4.92
CA LYS B 20 -5.71 -3.86 -5.57
C LYS B 20 -6.52 -4.63 -4.53
N GLU B 21 -7.23 -5.65 -5.01
CA GLU B 21 -8.04 -6.47 -4.13
C GLU B 21 -7.61 -7.94 -4.22
N GLY B 22 -7.99 -8.69 -3.21
CA GLY B 22 -7.65 -10.11 -3.16
C GLY B 22 -6.69 -10.40 -2.01
N HIS B 23 -5.84 -9.42 -1.73
CA HIS B 23 -4.88 -9.56 -0.66
C HIS B 23 -4.67 -8.21 0.03
N ILE B 24 -3.88 -8.24 1.10
CA ILE B 24 -3.60 -7.03 1.85
C ILE B 24 -2.10 -6.72 1.78
N ALA B 25 -1.78 -5.44 1.94
CA ALA B 25 -0.40 -5.01 1.90
C ALA B 25 0.43 -5.86 2.87
N LYS B 26 -0.19 -6.19 3.98
CA LYS B 26 0.47 -7.00 5.00
C LYS B 26 1.26 -8.12 4.32
N ASN B 27 0.77 -8.52 3.15
CA ASN B 27 1.42 -9.58 2.40
C ASN B 27 1.18 -9.35 0.90
N CYS B 28 1.58 -8.17 0.45
CA CYS B 28 1.42 -7.82 -0.96
C CYS B 28 2.42 -8.63 -1.78
N ARG B 29 1.99 -8.99 -2.99
CA ARG B 29 2.83 -9.76 -3.87
C ARG B 29 3.62 -8.85 -4.80
N ALA B 30 3.72 -7.59 -4.39
CA ALA B 30 4.44 -6.60 -5.18
C ALA B 30 5.94 -6.81 -4.99
N PRO B 31 6.61 -7.20 -6.12
CA PRO B 31 8.04 -7.44 -6.09
C PRO B 31 8.82 -6.11 -6.05
N ARG B 32 8.42 -5.27 -5.11
CA ARG B 32 9.06 -3.97 -4.95
C ARG B 32 10.33 -4.12 -4.11
N LYS B 33 11.05 -3.00 -3.97
CA LYS B 33 12.27 -2.99 -3.20
C LYS B 33 12.35 -1.69 -2.39
N LYS B 34 11.26 -1.39 -1.70
CA LYS B 34 11.19 -0.19 -0.90
C LYS B 34 11.13 1.04 -1.82
N GLY B 35 10.01 1.74 -1.74
CA GLY B 35 9.82 2.93 -2.55
C GLY B 35 8.64 3.77 -2.03
N CYS B 36 8.75 5.07 -2.23
CA CYS B 36 7.71 5.98 -1.80
C CYS B 36 6.48 5.77 -2.68
N TRP B 37 5.49 5.09 -2.10
CA TRP B 37 4.26 4.82 -2.82
C TRP B 37 3.30 5.99 -2.59
N LYS B 38 3.87 7.09 -2.13
CA LYS B 38 3.08 8.28 -1.86
C LYS B 38 3.34 9.32 -2.94
N CYS B 39 4.57 9.30 -3.46
CA CYS B 39 4.95 10.24 -4.50
C CYS B 39 5.14 9.45 -5.80
N GLY B 40 5.82 8.32 -5.67
CA GLY B 40 6.08 7.47 -6.82
C GLY B 40 7.58 7.40 -7.12
N LYS B 41 8.37 7.52 -6.05
CA LYS B 41 9.81 7.47 -6.19
C LYS B 41 10.36 6.36 -5.29
N GLU B 42 10.99 5.38 -5.93
CA GLU B 42 11.56 4.26 -5.20
C GLU B 42 12.86 4.69 -4.52
N GLY B 43 13.32 3.84 -3.61
CA GLY B 43 14.54 4.11 -2.88
C GLY B 43 14.25 4.68 -1.49
N HIS B 44 13.07 5.26 -1.37
CA HIS B 44 12.64 5.84 -0.11
C HIS B 44 11.16 5.51 0.15
N GLN B 45 10.63 6.10 1.21
CA GLN B 45 9.25 5.88 1.57
C GLN B 45 8.56 7.21 1.89
N MET B 46 7.23 7.14 1.97
CA MET B 46 6.45 8.32 2.26
C MET B 46 6.95 9.02 3.53
N LYS B 47 7.24 8.19 4.54
CA LYS B 47 7.72 8.72 5.80
C LYS B 47 8.94 9.60 5.55
N ASP B 48 9.61 9.34 4.45
CA ASP B 48 10.78 10.10 4.08
C ASP B 48 10.62 10.65 2.66
N CYS B 49 9.38 10.98 2.33
CA CYS B 49 9.07 11.52 1.02
C CYS B 49 9.89 12.79 0.81
N THR B 50 10.16 13.07 -0.46
CA THR B 50 10.95 14.24 -0.81
C THR B 50 10.19 15.12 -1.82
N GLU B 51 8.87 14.94 -1.82
CA GLU B 51 8.01 15.69 -2.73
C GLU B 51 6.92 16.42 -1.94
N ARG B 52 7.36 17.30 -1.05
CA ARG B 52 6.43 18.06 -0.24
C ARG B 52 6.56 19.55 -0.55
N GLN B 53 7.76 20.06 -0.41
CA GLN B 53 8.03 21.47 -0.67
C GLN B 53 8.41 21.67 -2.14
N ALA B 54 7.70 22.57 -2.79
CA ALA B 54 7.95 22.86 -4.19
C ALA B 54 7.68 24.34 -4.46
N ASN B 55 8.74 25.13 -4.33
CA ASN B 55 8.62 26.56 -4.55
C ASN B 55 10.03 27.15 -4.75
N MET B 1 -15.31 -8.10 15.08
CA MET B 1 -14.54 -6.92 15.44
C MET B 1 -13.95 -6.26 14.19
N GLN B 2 -13.40 -5.07 14.41
CA GLN B 2 -12.81 -4.32 13.31
C GLN B 2 -11.79 -5.18 12.55
N LYS B 3 -11.00 -5.91 13.32
CA LYS B 3 -10.00 -6.79 12.74
C LYS B 3 -10.69 -7.84 11.86
N GLY B 4 -11.80 -8.35 12.37
CA GLY B 4 -12.56 -9.36 11.64
C GLY B 4 -13.02 -8.82 10.29
N ASN B 5 -13.00 -7.50 10.17
CA ASN B 5 -13.42 -6.86 8.94
C ASN B 5 -12.55 -7.36 7.78
N PHE B 6 -11.30 -7.61 8.10
CA PHE B 6 -10.35 -8.10 7.10
C PHE B 6 -10.83 -9.44 6.51
N ARG B 7 -11.80 -10.03 7.20
CA ARG B 7 -12.35 -11.32 6.76
C ARG B 7 -12.91 -11.19 5.34
N ASN B 8 -13.10 -9.94 4.92
CA ASN B 8 -13.63 -9.67 3.60
C ASN B 8 -12.69 -10.26 2.54
N GLN B 9 -11.50 -10.60 2.99
CA GLN B 9 -10.50 -11.17 2.10
C GLN B 9 -11.06 -12.40 1.40
N ARG B 10 -11.95 -13.09 2.09
CA ARG B 10 -12.57 -14.29 1.55
C ARG B 10 -13.23 -13.99 0.20
N LYS B 11 -13.49 -12.71 -0.01
CA LYS B 11 -14.12 -12.26 -1.25
C LYS B 11 -13.32 -11.10 -1.83
N THR B 12 -12.00 -11.26 -1.80
CA THR B 12 -11.12 -10.22 -2.33
C THR B 12 -10.86 -9.16 -1.27
N VAL B 13 -9.64 -8.64 -1.29
CA VAL B 13 -9.25 -7.59 -0.34
C VAL B 13 -8.79 -6.36 -1.10
N LYS B 14 -8.32 -5.38 -0.35
CA LYS B 14 -7.83 -4.14 -0.94
C LYS B 14 -6.50 -3.76 -0.30
N CYS B 15 -5.44 -3.89 -1.10
CA CYS B 15 -4.11 -3.56 -0.62
C CYS B 15 -4.00 -2.04 -0.49
N PHE B 16 -3.84 -1.59 0.74
CA PHE B 16 -3.72 -0.17 1.01
C PHE B 16 -2.30 0.33 0.73
N ASN B 17 -1.51 -0.55 0.14
CA ASN B 17 -0.14 -0.21 -0.19
C ASN B 17 0.00 -0.02 -1.70
N CYS B 18 -0.23 -1.11 -2.42
CA CYS B 18 -0.13 -1.08 -3.87
C CYS B 18 -1.47 -0.57 -4.43
N GLY B 19 -2.51 -0.81 -3.65
CA GLY B 19 -3.85 -0.38 -4.05
C GLY B 19 -4.64 -1.55 -4.64
N LYS B 20 -3.94 -2.40 -5.36
CA LYS B 20 -4.56 -3.55 -5.98
C LYS B 20 -5.45 -4.26 -4.96
N GLU B 21 -6.18 -5.25 -5.45
CA GLU B 21 -7.06 -6.02 -4.59
C GLU B 21 -6.70 -7.50 -4.63
N GLY B 22 -7.12 -8.21 -3.59
CA GLY B 22 -6.85 -9.64 -3.49
C GLY B 22 -5.94 -9.94 -2.30
N HIS B 23 -5.06 -8.98 -2.01
CA HIS B 23 -4.14 -9.13 -0.90
C HIS B 23 -3.96 -7.78 -0.19
N ILE B 24 -3.26 -7.83 0.93
CA ILE B 24 -3.01 -6.62 1.70
C ILE B 24 -1.51 -6.33 1.72
N ALA B 25 -1.19 -5.09 2.09
CA ALA B 25 0.20 -4.67 2.15
C ALA B 25 0.99 -5.65 3.02
N LYS B 26 0.34 -6.10 4.08
CA LYS B 26 0.95 -7.04 5.00
C LYS B 26 1.77 -8.07 4.22
N ASN B 27 1.31 -8.32 3.00
CA ASN B 27 1.99 -9.28 2.14
C ASN B 27 1.77 -8.87 0.67
N CYS B 28 2.19 -7.66 0.36
CA CYS B 28 2.04 -7.15 -0.99
C CYS B 28 3.07 -7.85 -1.88
N ARG B 29 2.56 -8.64 -2.81
CA ARG B 29 3.41 -9.38 -3.73
C ARG B 29 3.69 -8.54 -4.98
N ALA B 30 3.47 -7.24 -4.84
CA ALA B 30 3.68 -6.32 -5.95
C ALA B 30 5.05 -6.61 -6.58
N PRO B 31 5.14 -6.30 -7.91
CA PRO B 31 6.38 -6.52 -8.63
C PRO B 31 7.43 -5.47 -8.28
N ARG B 32 7.59 -5.25 -6.98
CA ARG B 32 8.55 -4.28 -6.49
C ARG B 32 8.29 -3.97 -5.00
N LYS B 33 9.10 -3.07 -4.47
CA LYS B 33 8.96 -2.68 -3.08
C LYS B 33 8.00 -1.49 -2.97
N LYS B 34 7.23 -1.31 -4.03
CA LYS B 34 6.27 -0.22 -4.06
C LYS B 34 7.02 1.12 -4.06
N GLY B 35 6.25 2.19 -3.96
CA GLY B 35 6.83 3.53 -3.95
C GLY B 35 5.93 4.51 -3.19
N CYS B 36 6.35 5.77 -3.20
CA CYS B 36 5.60 6.80 -2.52
C CYS B 36 4.21 6.89 -3.16
N TRP B 37 3.20 6.73 -2.33
CA TRP B 37 1.82 6.79 -2.80
C TRP B 37 1.51 8.24 -3.17
N LYS B 38 2.47 9.11 -2.89
CA LYS B 38 2.31 10.52 -3.19
C LYS B 38 2.83 10.80 -4.60
N CYS B 39 4.15 10.84 -4.71
CA CYS B 39 4.79 11.09 -5.99
C CYS B 39 4.53 9.90 -6.91
N GLY B 40 4.72 8.71 -6.34
CA GLY B 40 4.51 7.49 -7.10
C GLY B 40 5.82 6.95 -7.66
N LYS B 41 6.84 6.97 -6.81
CA LYS B 41 8.16 6.49 -7.19
C LYS B 41 8.54 5.30 -6.32
N GLU B 42 8.89 4.21 -6.97
CA GLU B 42 9.28 2.99 -6.27
C GLU B 42 10.67 3.16 -5.66
N GLY B 43 10.86 2.52 -4.51
CA GLY B 43 12.13 2.60 -3.81
C GLY B 43 12.01 3.42 -2.53
N HIS B 44 11.07 4.38 -2.57
CA HIS B 44 10.86 5.24 -1.42
C HIS B 44 9.36 5.31 -1.13
N GLN B 45 9.05 5.72 0.09
CA GLN B 45 7.67 5.84 0.52
C GLN B 45 7.35 7.28 0.93
N MET B 46 6.10 7.52 1.28
CA MET B 46 5.66 8.84 1.69
C MET B 46 6.52 9.37 2.83
N LYS B 47 6.69 8.53 3.84
CA LYS B 47 7.48 8.90 5.00
C LYS B 47 8.90 9.25 4.55
N ASP B 48 9.22 8.83 3.33
CA ASP B 48 10.53 9.09 2.77
C ASP B 48 10.38 9.66 1.36
N CYS B 49 9.43 10.57 1.23
CA CYS B 49 9.17 11.19 -0.06
C CYS B 49 9.97 12.50 -0.13
N THR B 50 10.93 12.51 -1.05
CA THR B 50 11.78 13.68 -1.23
C THR B 50 11.16 14.63 -2.25
N GLU B 51 9.99 14.26 -2.73
CA GLU B 51 9.28 15.07 -3.71
C GLU B 51 7.90 15.47 -3.17
N ARG B 52 7.91 16.22 -2.08
CA ARG B 52 6.68 16.67 -1.47
C ARG B 52 6.51 18.18 -1.67
N GLN B 53 5.83 18.52 -2.75
CA GLN B 53 5.59 19.92 -3.07
C GLN B 53 6.89 20.62 -3.44
N ALA B 54 6.97 21.08 -4.68
CA ALA B 54 8.14 21.77 -5.17
C ALA B 54 8.24 23.14 -4.51
N ASN B 55 9.35 23.82 -4.79
CA ASN B 55 9.56 25.15 -4.24
C ASN B 55 8.52 26.11 -4.80
N MET B 1 -13.91 -10.30 16.78
CA MET B 1 -14.49 -9.19 17.53
C MET B 1 -14.75 -7.99 16.61
N GLN B 2 -13.68 -7.56 15.94
CA GLN B 2 -13.77 -6.42 15.04
C GLN B 2 -12.88 -6.63 13.81
N LYS B 3 -11.60 -6.80 14.09
CA LYS B 3 -10.63 -7.02 13.02
C LYS B 3 -11.04 -8.26 12.21
N GLY B 4 -11.86 -9.08 12.85
CA GLY B 4 -12.32 -10.30 12.20
C GLY B 4 -13.08 -9.98 10.91
N ASN B 5 -13.50 -8.73 10.81
CA ASN B 5 -14.24 -8.29 9.63
C ASN B 5 -13.38 -8.53 8.38
N PHE B 6 -12.09 -8.37 8.54
CA PHE B 6 -11.16 -8.57 7.44
C PHE B 6 -11.27 -10.01 6.89
N ARG B 7 -11.91 -10.85 7.68
CA ARG B 7 -12.09 -12.24 7.29
C ARG B 7 -12.77 -12.33 5.92
N ASN B 8 -13.40 -11.23 5.54
CA ASN B 8 -14.10 -11.16 4.27
C ASN B 8 -13.10 -11.41 3.13
N GLN B 9 -11.82 -11.33 3.47
CA GLN B 9 -10.78 -11.55 2.50
C GLN B 9 -10.94 -12.92 1.84
N ARG B 10 -11.43 -13.87 2.63
CA ARG B 10 -11.64 -15.22 2.14
C ARG B 10 -12.34 -15.19 0.78
N LYS B 11 -13.04 -14.09 0.53
CA LYS B 11 -13.76 -13.93 -0.72
C LYS B 11 -13.08 -12.83 -1.55
N THR B 12 -12.38 -11.95 -0.85
CA THR B 12 -11.68 -10.86 -1.51
C THR B 12 -11.42 -9.72 -0.52
N VAL B 13 -10.37 -8.97 -0.81
CA VAL B 13 -10.00 -7.85 0.05
C VAL B 13 -9.48 -6.70 -0.82
N LYS B 14 -9.02 -5.65 -0.15
CA LYS B 14 -8.49 -4.50 -0.85
C LYS B 14 -7.14 -4.12 -0.25
N CYS B 15 -6.16 -3.96 -1.13
CA CYS B 15 -4.81 -3.60 -0.70
C CYS B 15 -4.67 -2.08 -0.77
N PHE B 16 -4.57 -1.46 0.38
CA PHE B 16 -4.43 -0.02 0.46
C PHE B 16 -2.97 0.40 0.28
N ASN B 17 -2.16 -0.57 -0.13
CA ASN B 17 -0.74 -0.30 -0.35
C ASN B 17 -0.48 -0.21 -1.86
N CYS B 18 -0.88 -1.26 -2.56
CA CYS B 18 -0.70 -1.32 -4.00
C CYS B 18 -1.96 -0.76 -4.67
N GLY B 19 -3.09 -1.06 -4.06
CA GLY B 19 -4.37 -0.60 -4.58
C GLY B 19 -5.03 -1.69 -5.42
N LYS B 20 -4.84 -2.92 -5.01
CA LYS B 20 -5.41 -4.06 -5.72
C LYS B 20 -6.16 -4.94 -4.74
N GLU B 21 -7.21 -5.57 -5.24
CA GLU B 21 -8.02 -6.45 -4.42
C GLU B 21 -7.50 -7.89 -4.48
N GLY B 22 -7.88 -8.67 -3.49
CA GLY B 22 -7.45 -10.05 -3.41
C GLY B 22 -6.54 -10.29 -2.21
N HIS B 23 -5.79 -9.26 -1.86
CA HIS B 23 -4.89 -9.33 -0.72
C HIS B 23 -4.76 -7.95 -0.08
N ILE B 24 -4.04 -7.92 1.04
CA ILE B 24 -3.82 -6.68 1.76
C ILE B 24 -2.33 -6.36 1.79
N ALA B 25 -2.03 -5.11 2.11
CA ALA B 25 -0.65 -4.67 2.19
C ALA B 25 0.13 -5.59 3.13
N LYS B 26 -0.54 -5.98 4.20
CA LYS B 26 0.08 -6.86 5.18
C LYS B 26 0.90 -7.93 4.46
N ASN B 27 0.46 -8.26 3.25
CA ASN B 27 1.15 -9.26 2.45
C ASN B 27 0.96 -8.93 0.96
N CYS B 28 1.38 -7.73 0.59
CA CYS B 28 1.27 -7.28 -0.79
C CYS B 28 2.31 -8.03 -1.62
N ARG B 29 1.95 -8.31 -2.86
CA ARG B 29 2.84 -9.00 -3.77
C ARG B 29 4.16 -8.22 -3.93
N ALA B 30 4.03 -6.91 -3.87
CA ALA B 30 5.18 -6.04 -3.99
C ALA B 30 6.37 -6.65 -3.26
N PRO B 31 7.30 -7.25 -4.05
CA PRO B 31 8.47 -7.89 -3.49
C PRO B 31 9.50 -6.84 -3.03
N ARG B 32 9.00 -5.87 -2.28
CA ARG B 32 9.85 -4.81 -1.77
C ARG B 32 10.31 -3.91 -2.92
N LYS B 33 10.45 -2.63 -2.60
CA LYS B 33 10.88 -1.65 -3.60
C LYS B 33 10.80 -0.25 -3.00
N LYS B 34 11.73 0.02 -2.09
CA LYS B 34 11.79 1.32 -1.43
C LYS B 34 11.49 2.42 -2.47
N GLY B 35 10.35 3.07 -2.27
CA GLY B 35 9.94 4.14 -3.16
C GLY B 35 8.69 4.84 -2.63
N CYS B 36 8.62 6.14 -2.90
CA CYS B 36 7.49 6.93 -2.46
C CYS B 36 6.26 6.51 -3.27
N TRP B 37 5.39 5.75 -2.63
CA TRP B 37 4.18 5.28 -3.28
C TRP B 37 3.09 6.34 -3.07
N LYS B 38 3.54 7.54 -2.74
CA LYS B 38 2.61 8.64 -2.52
C LYS B 38 2.71 9.63 -3.68
N CYS B 39 3.91 9.73 -4.22
CA CYS B 39 4.16 10.63 -5.35
C CYS B 39 4.39 9.79 -6.60
N GLY B 40 5.20 8.75 -6.44
CA GLY B 40 5.51 7.86 -7.54
C GLY B 40 7.00 7.94 -7.89
N LYS B 41 7.80 8.23 -6.89
CA LYS B 41 9.24 8.34 -7.07
C LYS B 41 9.95 7.33 -6.15
N GLU B 42 10.66 6.41 -6.77
CA GLU B 42 11.39 5.41 -6.01
C GLU B 42 12.67 6.00 -5.42
N GLY B 43 13.21 5.32 -4.42
CA GLY B 43 14.41 5.76 -3.75
C GLY B 43 14.10 6.35 -2.39
N HIS B 44 12.89 6.86 -2.26
CA HIS B 44 12.45 7.47 -1.01
C HIS B 44 11.05 6.97 -0.66
N GLN B 45 10.48 7.56 0.39
CA GLN B 45 9.15 7.19 0.83
C GLN B 45 8.31 8.43 1.11
N MET B 46 7.03 8.20 1.35
CA MET B 46 6.12 9.30 1.64
C MET B 46 6.64 10.16 2.79
N LYS B 47 7.02 9.48 3.87
CA LYS B 47 7.53 10.17 5.04
C LYS B 47 8.80 10.93 4.67
N ASP B 48 9.32 10.62 3.48
CA ASP B 48 10.53 11.26 3.01
C ASP B 48 10.25 11.91 1.66
N CYS B 49 8.98 12.19 1.42
CA CYS B 49 8.56 12.82 0.17
C CYS B 49 9.04 14.27 0.19
N THR B 50 9.21 14.82 -1.00
CA THR B 50 9.66 16.20 -1.13
C THR B 50 8.46 17.14 -1.26
N GLU B 51 7.33 16.57 -1.66
CA GLU B 51 6.11 17.34 -1.83
C GLU B 51 5.52 17.70 -0.46
N ARG B 52 5.23 16.66 0.31
CA ARG B 52 4.66 16.84 1.64
C ARG B 52 5.61 16.29 2.71
N GLN B 53 5.91 17.13 3.68
CA GLN B 53 6.80 16.73 4.76
C GLN B 53 6.89 17.85 5.80
N ALA B 54 7.35 19.00 5.34
CA ALA B 54 7.50 20.15 6.22
C ALA B 54 8.42 19.79 7.39
N ASN B 55 9.67 19.50 7.04
CA ASN B 55 10.65 19.12 8.04
C ASN B 55 11.69 20.25 8.16
N MET B 1 -18.00 -10.47 14.32
CA MET B 1 -17.59 -9.55 15.36
C MET B 1 -16.47 -8.64 14.88
N GLN B 2 -16.76 -7.89 13.83
CA GLN B 2 -15.79 -6.98 13.26
C GLN B 2 -14.66 -7.75 12.57
N LYS B 3 -13.94 -8.52 13.37
CA LYS B 3 -12.84 -9.31 12.85
C LYS B 3 -13.37 -10.27 11.77
N GLY B 4 -14.54 -10.84 12.06
CA GLY B 4 -15.16 -11.76 11.13
C GLY B 4 -15.41 -11.10 9.77
N ASN B 5 -15.52 -9.78 9.80
CA ASN B 5 -15.75 -9.02 8.58
C ASN B 5 -14.61 -9.29 7.59
N PHE B 6 -13.42 -9.45 8.14
CA PHE B 6 -12.25 -9.71 7.33
C PHE B 6 -12.42 -11.00 6.52
N ARG B 7 -13.42 -11.77 6.90
CA ARG B 7 -13.71 -13.03 6.23
C ARG B 7 -14.02 -12.78 4.76
N ASN B 8 -14.24 -11.53 4.44
CA ASN B 8 -14.55 -11.14 3.07
C ASN B 8 -13.40 -11.55 2.15
N GLN B 9 -12.28 -11.89 2.77
CA GLN B 9 -11.10 -12.31 2.04
C GLN B 9 -11.45 -13.48 1.11
N ARG B 10 -12.36 -14.31 1.58
CA ARG B 10 -12.78 -15.47 0.80
C ARG B 10 -13.28 -15.03 -0.57
N LYS B 11 -13.60 -13.75 -0.67
CA LYS B 11 -14.10 -13.19 -1.92
C LYS B 11 -13.28 -11.96 -2.29
N THR B 12 -11.97 -12.08 -2.09
CA THR B 12 -11.06 -10.99 -2.40
C THR B 12 -11.17 -9.90 -1.33
N VAL B 13 -10.05 -9.21 -1.12
CA VAL B 13 -10.00 -8.15 -0.13
C VAL B 13 -9.60 -6.84 -0.81
N LYS B 14 -9.42 -5.81 0.00
CA LYS B 14 -9.03 -4.51 -0.51
C LYS B 14 -7.71 -4.09 0.12
N CYS B 15 -6.70 -3.94 -0.72
CA CYS B 15 -5.38 -3.54 -0.26
C CYS B 15 -5.37 -2.02 -0.09
N PHE B 16 -5.39 -1.59 1.17
CA PHE B 16 -5.38 -0.18 1.47
C PHE B 16 -4.00 0.44 1.24
N ASN B 17 -3.09 -0.42 0.78
CA ASN B 17 -1.73 0.02 0.50
C ASN B 17 -1.58 0.30 -0.99
N CYS B 18 -1.46 -0.78 -1.76
CA CYS B 18 -1.33 -0.67 -3.20
C CYS B 18 -2.66 -0.20 -3.78
N GLY B 19 -3.73 -0.61 -3.12
CA GLY B 19 -5.06 -0.24 -3.56
C GLY B 19 -5.77 -1.42 -4.23
N LYS B 20 -4.97 -2.27 -4.87
CA LYS B 20 -5.50 -3.43 -5.55
C LYS B 20 -6.39 -4.22 -4.59
N GLU B 21 -6.88 -5.34 -5.07
CA GLU B 21 -7.75 -6.19 -4.28
C GLU B 21 -7.27 -7.64 -4.34
N GLY B 22 -7.65 -8.41 -3.33
CA GLY B 22 -7.28 -9.81 -3.26
C GLY B 22 -6.40 -10.08 -2.03
N HIS B 23 -5.60 -9.09 -1.69
CA HIS B 23 -4.71 -9.20 -0.54
C HIS B 23 -4.72 -7.89 0.24
N ILE B 24 -3.96 -7.90 1.33
CA ILE B 24 -3.88 -6.72 2.18
C ILE B 24 -2.41 -6.26 2.26
N ALA B 25 -2.24 -5.00 2.66
CA ALA B 25 -0.91 -4.43 2.77
C ALA B 25 -0.06 -5.33 3.68
N LYS B 26 -0.70 -5.86 4.71
CA LYS B 26 -0.02 -6.72 5.66
C LYS B 26 0.93 -7.65 4.90
N ASN B 27 0.56 -7.95 3.67
CA ASN B 27 1.37 -8.81 2.83
C ASN B 27 1.16 -8.43 1.36
N CYS B 28 1.43 -7.17 1.06
CA CYS B 28 1.29 -6.66 -0.29
C CYS B 28 2.38 -7.30 -1.16
N ARG B 29 2.06 -7.45 -2.44
CA ARG B 29 3.00 -8.03 -3.39
C ARG B 29 3.52 -6.96 -4.34
N ALA B 30 3.59 -5.74 -3.84
CA ALA B 30 4.07 -4.62 -4.63
C ALA B 30 5.27 -5.07 -5.47
N PRO B 31 5.45 -4.40 -6.63
CA PRO B 31 6.55 -4.73 -7.53
C PRO B 31 7.87 -4.20 -6.98
N ARG B 32 8.11 -4.49 -5.71
CA ARG B 32 9.33 -4.04 -5.06
C ARG B 32 9.25 -4.31 -3.56
N LYS B 33 10.40 -4.19 -2.90
CA LYS B 33 10.48 -4.41 -1.47
C LYS B 33 10.01 -3.15 -0.74
N LYS B 34 10.79 -2.09 -0.88
CA LYS B 34 10.46 -0.83 -0.25
C LYS B 34 10.42 0.28 -1.30
N GLY B 35 9.33 1.04 -1.26
CA GLY B 35 9.15 2.13 -2.21
C GLY B 35 8.12 3.13 -1.70
N CYS B 36 8.33 4.39 -2.05
CA CYS B 36 7.43 5.45 -1.64
C CYS B 36 6.14 5.32 -2.44
N TRP B 37 5.11 4.84 -1.76
CA TRP B 37 3.81 4.65 -2.38
C TRP B 37 3.02 5.95 -2.22
N LYS B 38 3.75 7.02 -1.96
CA LYS B 38 3.12 8.32 -1.78
C LYS B 38 3.47 9.22 -2.96
N CYS B 39 4.65 8.98 -3.53
CA CYS B 39 5.10 9.76 -4.67
C CYS B 39 5.11 8.84 -5.89
N GLY B 40 5.61 7.63 -5.70
CA GLY B 40 5.68 6.66 -6.77
C GLY B 40 7.13 6.36 -7.15
N LYS B 41 8.01 6.47 -6.15
CA LYS B 41 9.42 6.21 -6.37
C LYS B 41 9.90 5.15 -5.39
N GLU B 42 10.49 4.10 -5.94
CA GLU B 42 11.00 3.01 -5.11
C GLU B 42 12.38 3.36 -4.57
N GLY B 43 12.82 2.55 -3.60
CA GLY B 43 14.11 2.77 -2.98
C GLY B 43 13.99 3.68 -1.76
N HIS B 44 12.75 3.94 -1.38
CA HIS B 44 12.48 4.79 -0.23
C HIS B 44 11.00 4.73 0.11
N GLN B 45 10.62 5.53 1.11
CA GLN B 45 9.23 5.59 1.54
C GLN B 45 8.80 7.04 1.73
N MET B 46 7.49 7.21 1.93
CA MET B 46 6.94 8.54 2.14
C MET B 46 7.71 9.29 3.22
N LYS B 47 8.13 8.56 4.24
CA LYS B 47 8.88 9.14 5.34
C LYS B 47 10.13 9.82 4.79
N ASP B 48 10.75 9.16 3.82
CA ASP B 48 11.95 9.69 3.20
C ASP B 48 11.63 10.15 1.77
N CYS B 49 10.40 10.60 1.59
CA CYS B 49 9.96 11.06 0.28
C CYS B 49 10.87 12.21 -0.16
N THR B 50 10.88 12.44 -1.46
CA THR B 50 11.71 13.50 -2.02
C THR B 50 10.95 14.24 -3.13
N GLU B 51 9.64 14.00 -3.17
CA GLU B 51 8.81 14.63 -4.17
C GLU B 51 9.24 16.08 -4.40
N ARG B 52 9.43 16.78 -3.30
CA ARG B 52 9.84 18.17 -3.36
C ARG B 52 11.09 18.32 -4.25
N GLN B 53 12.13 17.58 -3.90
CA GLN B 53 13.37 17.61 -4.66
C GLN B 53 13.19 16.88 -5.99
N ALA B 54 13.80 17.44 -7.03
CA ALA B 54 13.72 16.86 -8.35
C ALA B 54 14.89 15.88 -8.54
N ASN B 55 14.90 14.84 -7.73
CA ASN B 55 15.94 13.84 -7.80
C ASN B 55 15.36 12.48 -7.45
N MET B 1 -8.85 -2.72 11.37
CA MET B 1 -10.13 -2.62 12.03
C MET B 1 -10.80 -3.99 12.12
N GLN B 2 -10.73 -4.57 13.32
CA GLN B 2 -11.32 -5.87 13.56
C GLN B 2 -10.56 -6.95 12.78
N LYS B 3 -9.91 -7.82 13.54
CA LYS B 3 -9.14 -8.90 12.93
C LYS B 3 -10.07 -9.75 12.07
N GLY B 4 -11.27 -9.99 12.60
CA GLY B 4 -12.26 -10.79 11.89
C GLY B 4 -12.58 -10.17 10.53
N ASN B 5 -12.38 -8.87 10.44
CA ASN B 5 -12.64 -8.16 9.20
C ASN B 5 -11.84 -8.78 8.07
N PHE B 6 -10.63 -9.23 8.42
CA PHE B 6 -9.75 -9.85 7.44
C PHE B 6 -10.40 -11.07 6.81
N ARG B 7 -11.35 -11.64 7.54
CA ARG B 7 -12.07 -12.82 7.07
C ARG B 7 -12.80 -12.50 5.76
N ASN B 8 -12.90 -11.21 5.47
CA ASN B 8 -13.57 -10.77 4.25
C ASN B 8 -12.82 -11.32 3.03
N GLN B 9 -11.62 -11.81 3.29
CA GLN B 9 -10.80 -12.38 2.23
C GLN B 9 -11.55 -13.49 1.50
N ARG B 10 -12.50 -14.08 2.21
CA ARG B 10 -13.31 -15.15 1.65
C ARG B 10 -13.99 -14.68 0.36
N LYS B 11 -14.18 -13.37 0.27
CA LYS B 11 -14.81 -12.79 -0.90
C LYS B 11 -13.89 -11.73 -1.50
N THR B 12 -12.59 -11.99 -1.40
CA THR B 12 -11.60 -11.07 -1.92
C THR B 12 -11.32 -9.95 -0.91
N VAL B 13 -10.14 -9.36 -1.04
CA VAL B 13 -9.74 -8.28 -0.15
C VAL B 13 -9.26 -7.09 -0.99
N LYS B 14 -8.81 -6.07 -0.29
CA LYS B 14 -8.31 -4.87 -0.95
C LYS B 14 -7.04 -4.39 -0.24
N CYS B 15 -6.01 -4.19 -1.05
CA CYS B 15 -4.73 -3.74 -0.52
C CYS B 15 -4.81 -2.22 -0.30
N PHE B 16 -4.67 -1.83 0.96
CA PHE B 16 -4.72 -0.43 1.32
C PHE B 16 -3.37 0.24 1.11
N ASN B 17 -2.50 -0.45 0.39
CA ASN B 17 -1.16 0.06 0.12
C ASN B 17 -1.02 0.31 -1.39
N CYS B 18 -1.34 -0.72 -2.16
CA CYS B 18 -1.26 -0.63 -3.60
C CYS B 18 -2.66 -0.37 -4.16
N GLY B 19 -3.63 -0.97 -3.49
CA GLY B 19 -5.02 -0.83 -3.91
C GLY B 19 -5.56 -2.13 -4.48
N LYS B 20 -4.73 -2.78 -5.28
CA LYS B 20 -5.11 -4.03 -5.90
C LYS B 20 -5.87 -4.89 -4.90
N GLU B 21 -6.77 -5.71 -5.41
CA GLU B 21 -7.57 -6.58 -4.57
C GLU B 21 -7.04 -8.01 -4.64
N GLY B 22 -7.41 -8.79 -3.62
CA GLY B 22 -6.97 -10.18 -3.55
C GLY B 22 -5.99 -10.39 -2.40
N HIS B 23 -5.23 -9.34 -2.11
CA HIS B 23 -4.26 -9.40 -1.04
C HIS B 23 -4.25 -8.08 -0.28
N ILE B 24 -3.35 -7.99 0.69
CA ILE B 24 -3.24 -6.79 1.50
C ILE B 24 -1.78 -6.33 1.52
N ALA B 25 -1.59 -5.09 1.95
CA ALA B 25 -0.25 -4.51 2.02
C ALA B 25 0.64 -5.43 2.85
N LYS B 26 0.17 -5.73 4.05
CA LYS B 26 0.92 -6.59 4.95
C LYS B 26 1.54 -7.74 4.15
N ASN B 27 0.91 -8.06 3.04
CA ASN B 27 1.39 -9.13 2.19
C ASN B 27 1.11 -8.77 0.73
N CYS B 28 1.64 -7.63 0.31
CA CYS B 28 1.45 -7.18 -1.06
C CYS B 28 2.44 -7.92 -1.96
N ARG B 29 1.94 -8.36 -3.10
CA ARG B 29 2.76 -9.09 -4.05
C ARG B 29 3.98 -8.25 -4.45
N ALA B 30 3.78 -6.94 -4.44
CA ALA B 30 4.85 -6.01 -4.80
C ALA B 30 6.17 -6.54 -4.23
N PRO B 31 7.25 -6.37 -5.04
CA PRO B 31 8.57 -6.81 -4.63
C PRO B 31 9.17 -5.87 -3.59
N ARG B 32 8.83 -4.59 -3.73
CA ARG B 32 9.32 -3.58 -2.80
C ARG B 32 10.80 -3.31 -3.07
N LYS B 33 11.13 -2.03 -3.16
CA LYS B 33 12.50 -1.63 -3.39
C LYS B 33 12.62 -0.11 -3.20
N LYS B 34 12.04 0.35 -2.11
CA LYS B 34 12.08 1.78 -1.79
C LYS B 34 11.44 2.56 -2.93
N GLY B 35 10.30 3.16 -2.62
CA GLY B 35 9.57 3.95 -3.61
C GLY B 35 8.46 4.76 -2.95
N CYS B 36 8.46 6.06 -3.25
CA CYS B 36 7.46 6.96 -2.71
C CYS B 36 6.12 6.65 -3.36
N TRP B 37 5.26 6.00 -2.60
CA TRP B 37 3.93 5.64 -3.11
C TRP B 37 2.99 6.80 -2.81
N LYS B 38 3.58 7.95 -2.52
CA LYS B 38 2.80 9.14 -2.22
C LYS B 38 2.85 10.10 -3.41
N CYS B 39 3.98 10.09 -4.09
CA CYS B 39 4.17 10.94 -5.25
C CYS B 39 4.18 10.06 -6.51
N GLY B 40 4.89 8.95 -6.41
CA GLY B 40 4.98 8.02 -7.52
C GLY B 40 6.40 7.98 -8.08
N LYS B 41 7.36 8.21 -7.20
CA LYS B 41 8.76 8.20 -7.60
C LYS B 41 9.50 7.13 -6.81
N GLU B 42 10.24 6.30 -7.55
CA GLU B 42 11.00 5.23 -6.93
C GLU B 42 12.37 5.74 -6.48
N GLY B 43 12.99 4.98 -5.60
CA GLY B 43 14.30 5.34 -5.07
C GLY B 43 14.18 5.93 -3.67
N HIS B 44 13.00 6.47 -3.39
CA HIS B 44 12.75 7.08 -2.10
C HIS B 44 11.37 6.66 -1.60
N GLN B 45 10.98 7.24 -0.47
CA GLN B 45 9.69 6.94 0.13
C GLN B 45 8.99 8.22 0.56
N MET B 46 7.74 8.07 0.95
CA MET B 46 6.94 9.21 1.40
C MET B 46 7.66 9.98 2.52
N LYS B 47 8.14 9.22 3.49
CA LYS B 47 8.85 9.81 4.61
C LYS B 47 10.09 10.54 4.11
N ASP B 48 10.42 10.28 2.85
CA ASP B 48 11.58 10.91 2.24
C ASP B 48 11.16 11.59 0.94
N CYS B 49 9.88 11.92 0.87
CA CYS B 49 9.33 12.58 -0.31
C CYS B 49 9.97 13.97 -0.41
N THR B 50 10.01 14.47 -1.64
CA THR B 50 10.57 15.78 -1.89
C THR B 50 9.47 16.84 -2.01
N GLU B 51 8.28 16.36 -2.32
CA GLU B 51 7.13 17.24 -2.46
C GLU B 51 6.56 17.60 -1.09
N ARG B 52 6.16 16.56 -0.36
CA ARG B 52 5.61 16.76 0.97
C ARG B 52 6.51 17.66 1.80
N GLN B 53 5.92 18.73 2.30
CA GLN B 53 6.65 19.68 3.12
C GLN B 53 7.77 20.34 2.30
N ALA B 54 7.47 21.53 1.79
CA ALA B 54 8.44 22.26 0.98
C ALA B 54 8.97 23.44 1.78
N ASN B 55 10.03 24.04 1.27
CA ASN B 55 10.65 25.18 1.93
C ASN B 55 9.56 26.20 2.28
N MET B 1 -14.95 -3.09 9.18
CA MET B 1 -14.34 -2.02 9.94
C MET B 1 -13.28 -2.57 10.90
N GLN B 2 -13.72 -3.50 11.74
CA GLN B 2 -12.83 -4.11 12.71
C GLN B 2 -11.59 -4.69 12.01
N LYS B 3 -10.53 -4.85 12.78
CA LYS B 3 -9.29 -5.39 12.25
C LYS B 3 -9.54 -6.80 11.71
N GLY B 4 -10.24 -7.58 12.51
CA GLY B 4 -10.54 -8.95 12.12
C GLY B 4 -11.41 -8.98 10.85
N ASN B 5 -11.90 -7.81 10.49
CA ASN B 5 -12.74 -7.69 9.30
C ASN B 5 -11.94 -8.11 8.07
N PHE B 6 -10.63 -8.18 8.26
CA PHE B 6 -9.74 -8.57 7.18
C PHE B 6 -10.09 -9.96 6.65
N ARG B 7 -10.89 -10.67 7.43
CA ARG B 7 -11.31 -12.01 7.05
C ARG B 7 -12.02 -11.99 5.71
N ASN B 8 -12.40 -10.79 5.29
CA ASN B 8 -13.09 -10.62 4.03
C ASN B 8 -12.19 -11.12 2.88
N GLN B 9 -10.92 -11.33 3.23
CA GLN B 9 -9.96 -11.80 2.26
C GLN B 9 -10.46 -13.09 1.59
N ARG B 10 -11.25 -13.83 2.35
CA ARG B 10 -11.80 -15.09 1.86
C ARG B 10 -12.53 -14.85 0.53
N LYS B 11 -12.87 -13.59 0.29
CA LYS B 11 -13.58 -13.23 -0.92
C LYS B 11 -12.96 -11.96 -1.51
N THR B 12 -11.65 -11.93 -1.51
CA THR B 12 -10.92 -10.78 -2.04
C THR B 12 -10.75 -9.71 -0.94
N VAL B 13 -9.59 -9.08 -0.95
CA VAL B 13 -9.29 -8.05 0.03
C VAL B 13 -8.83 -6.78 -0.70
N LYS B 14 -8.75 -5.70 0.06
CA LYS B 14 -8.33 -4.42 -0.49
C LYS B 14 -6.97 -4.04 0.10
N CYS B 15 -5.95 -4.08 -0.76
CA CYS B 15 -4.61 -3.74 -0.33
C CYS B 15 -4.59 -2.27 0.09
N PHE B 16 -4.51 -2.06 1.39
CA PHE B 16 -4.50 -0.70 1.94
C PHE B 16 -3.16 -0.01 1.62
N ASN B 17 -2.33 -0.71 0.87
CA ASN B 17 -1.04 -0.17 0.49
C ASN B 17 -1.06 0.21 -0.99
N CYS B 18 -0.88 -0.80 -1.83
CA CYS B 18 -0.88 -0.59 -3.27
C CYS B 18 -2.29 -0.16 -3.69
N GLY B 19 -3.27 -0.66 -2.96
CA GLY B 19 -4.66 -0.33 -3.26
C GLY B 19 -5.36 -1.50 -3.94
N LYS B 20 -4.63 -2.17 -4.82
CA LYS B 20 -5.18 -3.30 -5.55
C LYS B 20 -5.81 -4.28 -4.56
N GLU B 21 -6.73 -5.07 -5.07
CA GLU B 21 -7.42 -6.05 -4.25
C GLU B 21 -6.84 -7.45 -4.49
N GLY B 22 -7.16 -8.36 -3.58
CA GLY B 22 -6.68 -9.72 -3.68
C GLY B 22 -5.76 -10.07 -2.52
N HIS B 23 -5.02 -9.06 -2.08
CA HIS B 23 -4.09 -9.25 -0.97
C HIS B 23 -4.05 -7.98 -0.12
N ILE B 24 -3.20 -8.01 0.90
CA ILE B 24 -3.04 -6.88 1.79
C ILE B 24 -1.59 -6.43 1.79
N ALA B 25 -1.38 -5.21 2.27
CA ALA B 25 -0.05 -4.64 2.32
C ALA B 25 0.88 -5.59 3.08
N LYS B 26 0.34 -6.16 4.15
CA LYS B 26 1.09 -7.09 4.96
C LYS B 26 1.94 -7.99 4.06
N ASN B 27 1.44 -8.20 2.85
CA ASN B 27 2.14 -9.03 1.88
C ASN B 27 1.81 -8.54 0.46
N CYS B 28 2.14 -7.27 0.22
CA CYS B 28 1.89 -6.67 -1.08
C CYS B 28 2.95 -7.19 -2.06
N ARG B 29 2.48 -7.52 -3.25
CA ARG B 29 3.37 -8.03 -4.29
C ARG B 29 4.07 -6.87 -5.00
N ALA B 30 3.37 -5.76 -5.09
CA ALA B 30 3.91 -4.58 -5.73
C ALA B 30 5.35 -4.35 -5.26
N PRO B 31 6.15 -3.70 -6.15
CA PRO B 31 7.54 -3.43 -5.84
C PRO B 31 7.65 -2.26 -4.83
N ARG B 32 6.86 -2.36 -3.78
CA ARG B 32 6.86 -1.33 -2.75
C ARG B 32 7.95 -1.63 -1.71
N LYS B 33 7.99 -0.77 -0.70
CA LYS B 33 8.99 -0.92 0.35
C LYS B 33 10.25 -0.14 -0.02
N LYS B 34 10.35 0.18 -1.29
CA LYS B 34 11.50 0.92 -1.79
C LYS B 34 11.04 1.91 -2.85
N GLY B 35 9.82 2.38 -2.68
CA GLY B 35 9.24 3.34 -3.62
C GLY B 35 8.18 4.19 -2.94
N CYS B 36 8.14 5.47 -3.33
CA CYS B 36 7.17 6.40 -2.77
C CYS B 36 5.79 6.04 -3.31
N TRP B 37 4.98 5.46 -2.45
CA TRP B 37 3.63 5.07 -2.83
C TRP B 37 2.69 6.26 -2.57
N LYS B 38 3.31 7.43 -2.41
CA LYS B 38 2.55 8.63 -2.15
C LYS B 38 2.53 9.50 -3.41
N CYS B 39 3.63 9.43 -4.15
CA CYS B 39 3.77 10.20 -5.38
C CYS B 39 3.78 9.22 -6.56
N GLY B 40 4.56 8.16 -6.39
CA GLY B 40 4.67 7.14 -7.42
C GLY B 40 6.07 7.14 -8.04
N LYS B 41 7.05 7.47 -7.20
CA LYS B 41 8.43 7.52 -7.64
C LYS B 41 9.26 6.53 -6.81
N GLU B 42 9.86 5.57 -7.50
CA GLU B 42 10.68 4.57 -6.84
C GLU B 42 12.04 5.16 -6.47
N GLY B 43 12.70 4.48 -5.54
CA GLY B 43 14.01 4.93 -5.09
C GLY B 43 13.91 5.68 -3.77
N HIS B 44 12.68 5.84 -3.31
CA HIS B 44 12.43 6.53 -2.06
C HIS B 44 11.03 6.18 -1.55
N GLN B 45 10.67 6.81 -0.43
CA GLN B 45 9.37 6.57 0.18
C GLN B 45 8.67 7.91 0.47
N MET B 46 7.41 7.80 0.85
CA MET B 46 6.62 8.98 1.16
C MET B 46 7.28 9.79 2.28
N LYS B 47 7.94 9.08 3.19
CA LYS B 47 8.61 9.72 4.30
C LYS B 47 9.72 10.62 3.78
N ASP B 48 10.07 10.40 2.51
CA ASP B 48 11.12 11.18 1.88
C ASP B 48 10.64 11.64 0.49
N CYS B 49 9.34 11.81 0.38
CA CYS B 49 8.75 12.25 -0.87
C CYS B 49 9.38 13.58 -1.26
N THR B 50 9.55 13.76 -2.56
CA THR B 50 10.14 14.98 -3.08
C THR B 50 9.15 15.70 -4.00
N GLU B 51 7.90 15.26 -3.94
CA GLU B 51 6.86 15.85 -4.76
C GLU B 51 6.64 17.31 -4.36
N ARG B 52 6.29 17.50 -3.10
CA ARG B 52 6.04 18.84 -2.59
C ARG B 52 4.88 19.50 -3.34
N GLN B 53 4.42 20.61 -2.80
CA GLN B 53 3.32 21.33 -3.40
C GLN B 53 3.47 21.36 -4.93
N ALA B 54 2.58 20.64 -5.59
CA ALA B 54 2.60 20.57 -7.04
C ALA B 54 2.91 21.96 -7.61
N ASN B 55 3.59 21.95 -8.74
CA ASN B 55 3.96 23.19 -9.40
C ASN B 55 4.04 22.97 -10.91
N MET B 1 -14.56 -7.00 14.66
CA MET B 1 -13.99 -5.96 15.49
C MET B 1 -12.88 -5.21 14.75
N GLN B 2 -13.25 -4.64 13.61
CA GLN B 2 -12.31 -3.90 12.80
C GLN B 2 -11.36 -4.86 12.06
N LYS B 3 -10.65 -5.66 12.85
CA LYS B 3 -9.72 -6.62 12.29
C LYS B 3 -10.47 -7.57 11.35
N GLY B 4 -11.71 -7.87 11.73
CA GLY B 4 -12.53 -8.75 10.94
C GLY B 4 -12.75 -8.19 9.53
N ASN B 5 -12.43 -6.91 9.38
CA ASN B 5 -12.58 -6.25 8.10
C ASN B 5 -11.74 -6.98 7.05
N PHE B 6 -10.61 -7.49 7.50
CA PHE B 6 -9.72 -8.21 6.61
C PHE B 6 -10.41 -9.44 6.01
N ARG B 7 -11.55 -9.79 6.60
CA ARG B 7 -12.32 -10.94 6.15
C ARG B 7 -12.77 -10.73 4.70
N ASN B 8 -12.64 -9.49 4.25
CA ASN B 8 -13.03 -9.15 2.89
C ASN B 8 -12.22 -9.97 1.90
N GLN B 9 -11.15 -10.57 2.41
CA GLN B 9 -10.27 -11.38 1.59
C GLN B 9 -11.08 -12.50 0.91
N ARG B 10 -12.09 -12.97 1.64
CA ARG B 10 -12.93 -14.04 1.12
C ARG B 10 -13.53 -13.63 -0.23
N LYS B 11 -13.58 -12.33 -0.46
CA LYS B 11 -14.12 -11.81 -1.70
C LYS B 11 -13.14 -10.79 -2.29
N THR B 12 -11.86 -11.15 -2.23
CA THR B 12 -10.82 -10.28 -2.75
C THR B 12 -10.65 -9.06 -1.85
N VAL B 13 -9.43 -8.92 -1.34
CA VAL B 13 -9.12 -7.80 -0.47
C VAL B 13 -8.52 -6.66 -1.30
N LYS B 14 -8.11 -5.61 -0.59
CA LYS B 14 -7.52 -4.46 -1.25
C LYS B 14 -6.26 -4.01 -0.49
N CYS B 15 -5.14 -4.09 -1.17
CA CYS B 15 -3.87 -3.71 -0.55
C CYS B 15 -3.82 -2.18 -0.48
N PHE B 16 -3.86 -1.68 0.74
CA PHE B 16 -3.82 -0.25 0.96
C PHE B 16 -2.38 0.27 0.97
N ASN B 17 -1.46 -0.65 0.71
CA ASN B 17 -0.05 -0.30 0.68
C ASN B 17 0.38 -0.03 -0.76
N CYS B 18 0.14 -1.02 -1.61
CA CYS B 18 0.50 -0.91 -3.02
C CYS B 18 -0.72 -0.36 -3.77
N GLY B 19 -1.89 -0.78 -3.31
CA GLY B 19 -3.13 -0.34 -3.95
C GLY B 19 -3.85 -1.51 -4.61
N LYS B 20 -3.05 -2.40 -5.20
CA LYS B 20 -3.59 -3.56 -5.87
C LYS B 20 -4.62 -4.25 -4.97
N GLU B 21 -5.26 -5.27 -5.51
CA GLU B 21 -6.25 -6.02 -4.77
C GLU B 21 -5.92 -7.50 -4.77
N GLY B 22 -6.54 -8.23 -3.85
CA GLY B 22 -6.31 -9.66 -3.72
C GLY B 22 -5.56 -9.99 -2.44
N HIS B 23 -4.74 -9.04 -2.01
CA HIS B 23 -3.95 -9.23 -0.80
C HIS B 23 -3.87 -7.90 -0.04
N ILE B 24 -3.28 -7.98 1.15
CA ILE B 24 -3.14 -6.80 1.98
C ILE B 24 -1.66 -6.49 2.18
N ALA B 25 -1.38 -5.29 2.65
CA ALA B 25 0.00 -4.87 2.89
C ALA B 25 0.68 -5.88 3.81
N LYS B 26 -0.08 -6.37 4.78
CA LYS B 26 0.43 -7.35 5.71
C LYS B 26 1.32 -8.36 4.97
N ASN B 27 1.00 -8.55 3.70
CA ASN B 27 1.75 -9.46 2.87
C ASN B 27 1.71 -9.00 1.41
N CYS B 28 2.17 -7.77 1.21
CA CYS B 28 2.20 -7.19 -0.12
C CYS B 28 3.36 -7.82 -0.90
N ARG B 29 2.99 -8.67 -1.85
CA ARG B 29 3.99 -9.34 -2.66
C ARG B 29 4.39 -8.46 -3.85
N ALA B 30 3.97 -7.20 -3.77
CA ALA B 30 4.27 -6.25 -4.82
C ALA B 30 5.71 -6.48 -5.31
N PRO B 31 5.81 -7.18 -6.47
CA PRO B 31 7.11 -7.48 -7.05
C PRO B 31 7.70 -6.24 -7.72
N ARG B 32 6.92 -5.17 -7.70
CA ARG B 32 7.36 -3.91 -8.30
C ARG B 32 6.21 -2.91 -8.33
N LYS B 33 6.53 -1.71 -8.78
CA LYS B 33 5.53 -0.66 -8.87
C LYS B 33 5.50 0.12 -7.54
N LYS B 34 6.11 -0.48 -6.53
CA LYS B 34 6.17 0.14 -5.22
C LYS B 34 6.64 1.59 -5.36
N GLY B 35 5.76 2.50 -4.97
CA GLY B 35 6.08 3.92 -5.06
C GLY B 35 5.38 4.70 -3.94
N CYS B 36 5.86 5.91 -3.72
CA CYS B 36 5.30 6.77 -2.69
C CYS B 36 3.97 7.34 -3.21
N TRP B 37 2.90 6.97 -2.53
CA TRP B 37 1.58 7.43 -2.91
C TRP B 37 1.32 8.76 -2.20
N LYS B 38 2.38 9.53 -2.05
CA LYS B 38 2.29 10.82 -1.39
C LYS B 38 2.87 11.91 -2.30
N CYS B 39 4.02 11.58 -2.90
CA CYS B 39 4.68 12.50 -3.80
C CYS B 39 4.38 12.07 -5.24
N GLY B 40 4.21 10.77 -5.41
CA GLY B 40 3.93 10.23 -6.73
C GLY B 40 5.21 9.78 -7.43
N LYS B 41 6.19 9.41 -6.62
CA LYS B 41 7.47 8.96 -7.15
C LYS B 41 7.69 7.50 -6.74
N GLU B 42 7.95 6.67 -7.74
CA GLU B 42 8.19 5.26 -7.51
C GLU B 42 9.65 5.03 -7.08
N GLY B 43 9.86 3.92 -6.40
CA GLY B 43 11.19 3.57 -5.93
C GLY B 43 11.38 3.97 -4.46
N HIS B 44 10.28 4.40 -3.85
CA HIS B 44 10.31 4.81 -2.46
C HIS B 44 8.88 5.00 -1.96
N GLN B 45 8.77 5.24 -0.65
CA GLN B 45 7.47 5.45 -0.03
C GLN B 45 7.47 6.73 0.80
N MET B 46 6.28 7.12 1.22
CA MET B 46 6.13 8.33 2.02
C MET B 46 7.05 8.30 3.24
N LYS B 47 7.10 7.12 3.87
CA LYS B 47 7.94 6.95 5.05
C LYS B 47 9.37 7.39 4.72
N ASP B 48 9.70 7.34 3.44
CA ASP B 48 11.02 7.71 2.99
C ASP B 48 10.90 8.66 1.79
N CYS B 49 9.97 9.61 1.93
CA CYS B 49 9.74 10.58 0.87
C CYS B 49 10.96 11.51 0.80
N THR B 50 11.11 12.14 -0.36
CA THR B 50 12.23 13.06 -0.56
C THR B 50 11.70 14.48 -0.78
N GLU B 51 10.39 14.59 -0.88
CA GLU B 51 9.76 15.88 -1.08
C GLU B 51 9.13 16.38 0.22
N ARG B 52 8.18 15.59 0.72
CA ARG B 52 7.50 15.94 1.96
C ARG B 52 6.74 17.26 1.78
N GLN B 53 5.55 17.15 1.21
CA GLN B 53 4.72 18.32 1.00
C GLN B 53 4.03 18.75 2.29
N ALA B 54 4.27 20.00 2.67
CA ALA B 54 3.68 20.53 3.89
C ALA B 54 2.28 21.07 3.58
N ASN B 55 2.25 22.07 2.70
CA ASN B 55 1.00 22.68 2.31
C ASN B 55 0.86 22.64 0.79
N MET B 1 -15.48 -3.32 10.56
CA MET B 1 -16.07 -4.54 11.05
C MET B 1 -15.04 -5.39 11.80
N GLN B 2 -14.55 -4.83 12.91
CA GLN B 2 -13.56 -5.52 13.71
C GLN B 2 -12.52 -6.21 12.81
N LYS B 3 -11.75 -7.08 13.43
CA LYS B 3 -10.72 -7.81 12.70
C LYS B 3 -11.37 -8.68 11.63
N GLY B 4 -12.52 -9.26 12.00
CA GLY B 4 -13.25 -10.11 11.08
C GLY B 4 -13.55 -9.38 9.77
N ASN B 5 -13.42 -8.06 9.82
CA ASN B 5 -13.68 -7.23 8.65
C ASN B 5 -12.78 -7.70 7.50
N PHE B 6 -11.55 -8.02 7.84
CA PHE B 6 -10.59 -8.47 6.84
C PHE B 6 -11.09 -9.75 6.16
N ARG B 7 -12.10 -10.36 6.77
CA ARG B 7 -12.66 -11.58 6.23
C ARG B 7 -13.16 -11.35 4.79
N ASN B 8 -13.31 -10.07 4.46
CA ASN B 8 -13.78 -9.70 3.13
C ASN B 8 -12.77 -10.21 2.08
N GLN B 9 -11.61 -10.58 2.57
CA GLN B 9 -10.56 -11.09 1.70
C GLN B 9 -11.06 -12.27 0.88
N ARG B 10 -12.02 -12.99 1.47
CA ARG B 10 -12.60 -14.15 0.81
C ARG B 10 -13.17 -13.75 -0.55
N LYS B 11 -13.42 -12.46 -0.71
CA LYS B 11 -13.97 -11.94 -1.95
C LYS B 11 -13.10 -10.77 -2.43
N THR B 12 -11.79 -10.94 -2.30
CA THR B 12 -10.86 -9.92 -2.72
C THR B 12 -10.70 -8.87 -1.62
N VAL B 13 -9.51 -8.26 -1.59
CA VAL B 13 -9.22 -7.24 -0.60
C VAL B 13 -8.57 -6.04 -1.29
N LYS B 14 -8.16 -5.08 -0.46
CA LYS B 14 -7.53 -3.88 -0.98
C LYS B 14 -6.23 -3.63 -0.21
N CYS B 15 -5.13 -3.56 -0.95
CA CYS B 15 -3.84 -3.33 -0.35
C CYS B 15 -3.64 -1.82 -0.21
N PHE B 16 -3.58 -1.37 1.03
CA PHE B 16 -3.40 0.04 1.31
C PHE B 16 -1.92 0.42 1.25
N ASN B 17 -1.12 -0.52 0.78
CA ASN B 17 0.31 -0.29 0.66
C ASN B 17 0.68 -0.08 -0.81
N CYS B 18 0.35 -1.09 -1.61
CA CYS B 18 0.63 -1.03 -3.04
C CYS B 18 -0.59 -0.44 -3.75
N GLY B 19 -1.76 -0.71 -3.18
CA GLY B 19 -2.99 -0.22 -3.75
C GLY B 19 -3.77 -1.34 -4.44
N LYS B 20 -3.01 -2.23 -5.08
CA LYS B 20 -3.62 -3.36 -5.78
C LYS B 20 -4.66 -4.01 -4.88
N GLU B 21 -5.38 -4.97 -5.46
CA GLU B 21 -6.41 -5.68 -4.73
C GLU B 21 -6.13 -7.18 -4.73
N GLY B 22 -6.75 -7.88 -3.80
CA GLY B 22 -6.58 -9.32 -3.69
C GLY B 22 -5.85 -9.67 -2.39
N HIS B 23 -4.99 -8.77 -1.96
CA HIS B 23 -4.22 -8.97 -0.74
C HIS B 23 -4.08 -7.64 0.01
N ILE B 24 -3.40 -7.71 1.14
CA ILE B 24 -3.19 -6.53 1.96
C ILE B 24 -1.69 -6.34 2.20
N ALA B 25 -1.34 -5.13 2.61
CA ALA B 25 0.06 -4.80 2.87
C ALA B 25 0.65 -5.84 3.83
N LYS B 26 -0.16 -6.22 4.81
CA LYS B 26 0.27 -7.20 5.80
C LYS B 26 1.07 -8.30 5.10
N ASN B 27 0.74 -8.52 3.83
CA ASN B 27 1.41 -9.53 3.05
C ASN B 27 1.39 -9.13 1.57
N CYS B 28 1.97 -7.96 1.31
CA CYS B 28 2.03 -7.44 -0.05
C CYS B 28 3.08 -8.24 -0.82
N ARG B 29 2.81 -8.45 -2.09
CA ARG B 29 3.72 -9.19 -2.95
C ARG B 29 4.67 -8.24 -3.68
N ALA B 30 4.80 -7.04 -3.12
CA ALA B 30 5.67 -6.03 -3.70
C ALA B 30 7.07 -6.60 -3.86
N PRO B 31 7.46 -6.85 -5.14
CA PRO B 31 8.78 -7.39 -5.44
C PRO B 31 9.85 -6.32 -5.28
N ARG B 32 9.82 -5.66 -4.13
CA ARG B 32 10.79 -4.62 -3.85
C ARG B 32 10.72 -3.52 -4.91
N LYS B 33 10.32 -2.34 -4.46
CA LYS B 33 10.20 -1.20 -5.36
C LYS B 33 9.35 -0.11 -4.69
N LYS B 34 9.78 0.27 -3.49
CA LYS B 34 9.08 1.29 -2.74
C LYS B 34 8.62 2.40 -3.69
N GLY B 35 7.32 2.61 -3.72
CA GLY B 35 6.74 3.62 -4.58
C GLY B 35 5.92 4.63 -3.77
N CYS B 36 6.43 5.85 -3.70
CA CYS B 36 5.76 6.90 -2.95
C CYS B 36 4.45 7.22 -3.66
N TRP B 37 3.36 6.80 -3.03
CA TRP B 37 2.03 7.03 -3.59
C TRP B 37 1.53 8.38 -3.06
N LYS B 38 2.45 9.12 -2.44
CA LYS B 38 2.11 10.42 -1.90
C LYS B 38 2.50 11.50 -2.90
N CYS B 39 3.62 11.27 -3.56
CA CYS B 39 4.11 12.22 -4.55
C CYS B 39 3.90 11.63 -5.94
N GLY B 40 4.16 10.33 -6.04
CA GLY B 40 4.00 9.63 -7.31
C GLY B 40 5.36 9.29 -7.93
N LYS B 41 6.34 9.12 -7.06
CA LYS B 41 7.68 8.79 -7.50
C LYS B 41 8.10 7.43 -6.94
N GLU B 42 8.77 6.66 -7.77
CA GLU B 42 9.21 5.34 -7.37
C GLU B 42 10.64 5.41 -6.81
N GLY B 43 11.04 4.33 -6.15
CA GLY B 43 12.37 4.26 -5.56
C GLY B 43 12.35 4.73 -4.11
N HIS B 44 11.22 5.27 -3.70
CA HIS B 44 11.05 5.75 -2.35
C HIS B 44 9.57 5.69 -1.95
N GLN B 45 9.30 6.12 -0.73
CA GLN B 45 7.94 6.12 -0.21
C GLN B 45 7.63 7.46 0.47
N MET B 46 6.37 7.61 0.85
CA MET B 46 5.94 8.83 1.52
C MET B 46 6.78 9.10 2.76
N LYS B 47 6.95 8.06 3.56
CA LYS B 47 7.74 8.18 4.78
C LYS B 47 9.15 8.63 4.43
N ASP B 48 9.49 8.48 3.16
CA ASP B 48 10.80 8.88 2.69
C ASP B 48 10.65 9.86 1.51
N CYS B 49 9.55 10.59 1.54
CA CYS B 49 9.27 11.55 0.49
C CYS B 49 10.35 12.65 0.55
N THR B 50 10.52 13.32 -0.57
CA THR B 50 11.50 14.38 -0.67
C THR B 50 10.81 15.73 -0.94
N GLU B 51 9.53 15.64 -1.25
CA GLU B 51 8.74 16.84 -1.53
C GLU B 51 8.90 17.85 -0.40
N ARG B 52 8.49 17.42 0.80
CA ARG B 52 8.58 18.27 1.97
C ARG B 52 10.02 18.74 2.18
N GLN B 53 10.95 17.84 1.93
CA GLN B 53 12.36 18.15 2.08
C GLN B 53 13.19 17.35 1.09
N ALA B 54 13.86 18.08 0.20
CA ALA B 54 14.69 17.45 -0.81
C ALA B 54 16.17 17.75 -0.51
N ASN B 55 16.66 17.14 0.54
CA ASN B 55 18.05 17.33 0.95
C ASN B 55 18.75 15.98 1.00
N MET B 1 -16.33 -2.86 8.43
CA MET B 1 -15.54 -2.28 9.51
C MET B 1 -15.06 -3.34 10.48
N GLN B 2 -14.19 -2.92 11.40
CA GLN B 2 -13.65 -3.83 12.39
C GLN B 2 -12.67 -4.81 11.74
N LYS B 3 -12.01 -5.59 12.59
CA LYS B 3 -11.06 -6.57 12.11
C LYS B 3 -11.74 -7.52 11.13
N GLY B 4 -13.00 -7.83 11.43
CA GLY B 4 -13.77 -8.73 10.59
C GLY B 4 -13.89 -8.17 9.17
N ASN B 5 -13.64 -6.87 9.05
CA ASN B 5 -13.71 -6.22 7.76
C ASN B 5 -12.76 -6.90 6.78
N PHE B 6 -11.63 -7.34 7.32
CA PHE B 6 -10.62 -8.01 6.50
C PHE B 6 -11.19 -9.28 5.87
N ARG B 7 -12.34 -9.69 6.40
CA ARG B 7 -13.00 -10.89 5.90
C ARG B 7 -13.35 -10.73 4.42
N ASN B 8 -13.26 -9.50 3.95
CA ASN B 8 -13.57 -9.20 2.56
C ASN B 8 -12.61 -9.96 1.66
N GLN B 9 -11.55 -10.47 2.26
CA GLN B 9 -10.55 -11.22 1.53
C GLN B 9 -11.20 -12.39 0.78
N ARG B 10 -12.32 -12.86 1.35
CA ARG B 10 -13.04 -13.97 0.75
C ARG B 10 -13.40 -13.65 -0.70
N LYS B 11 -13.48 -12.35 -0.99
CA LYS B 11 -13.82 -11.91 -2.33
C LYS B 11 -12.80 -10.87 -2.79
N THR B 12 -11.53 -11.14 -2.46
CA THR B 12 -10.47 -10.22 -2.82
C THR B 12 -10.37 -9.07 -1.82
N VAL B 13 -9.20 -8.93 -1.24
CA VAL B 13 -8.96 -7.87 -0.26
C VAL B 13 -8.46 -6.62 -0.99
N LYS B 14 -8.12 -5.62 -0.19
CA LYS B 14 -7.62 -4.36 -0.74
C LYS B 14 -6.30 -4.00 -0.06
N CYS B 15 -5.25 -4.01 -0.86
CA CYS B 15 -3.92 -3.69 -0.36
C CYS B 15 -3.82 -2.17 -0.21
N PHE B 16 -3.72 -1.73 1.04
CA PHE B 16 -3.61 -0.31 1.33
C PHE B 16 -2.17 0.17 1.18
N ASN B 17 -1.34 -0.71 0.66
CA ASN B 17 0.07 -0.39 0.45
C ASN B 17 0.32 -0.13 -1.04
N CYS B 18 -0.01 -1.12 -1.84
CA CYS B 18 0.17 -1.02 -3.28
C CYS B 18 -1.13 -0.51 -3.89
N GLY B 19 -2.23 -0.90 -3.28
CA GLY B 19 -3.54 -0.49 -3.75
C GLY B 19 -4.28 -1.66 -4.40
N LYS B 20 -3.52 -2.49 -5.10
CA LYS B 20 -4.09 -3.64 -5.77
C LYS B 20 -5.03 -4.39 -4.80
N GLU B 21 -5.73 -5.37 -5.34
CA GLU B 21 -6.65 -6.16 -4.55
C GLU B 21 -6.26 -7.64 -4.59
N GLY B 22 -6.76 -8.38 -3.60
CA GLY B 22 -6.48 -9.80 -3.52
C GLY B 22 -5.63 -10.12 -2.29
N HIS B 23 -4.79 -9.16 -1.93
CA HIS B 23 -3.92 -9.32 -0.77
C HIS B 23 -3.80 -7.99 -0.03
N ILE B 24 -3.13 -8.05 1.10
CA ILE B 24 -2.92 -6.85 1.92
C ILE B 24 -1.43 -6.55 2.02
N ALA B 25 -1.12 -5.34 2.45
CA ALA B 25 0.26 -4.92 2.60
C ALA B 25 1.00 -5.93 3.49
N LYS B 26 0.30 -6.40 4.50
CA LYS B 26 0.88 -7.37 5.42
C LYS B 26 1.68 -8.39 4.63
N ASN B 27 1.29 -8.59 3.39
CA ASN B 27 1.97 -9.54 2.52
C ASN B 27 1.83 -9.07 1.07
N CYS B 28 2.30 -7.87 0.81
CA CYS B 28 2.23 -7.30 -0.52
C CYS B 28 3.34 -7.93 -1.36
N ARG B 29 2.93 -8.81 -2.27
CA ARG B 29 3.87 -9.49 -3.14
C ARG B 29 4.22 -8.61 -4.33
N ALA B 30 3.75 -7.38 -4.28
CA ALA B 30 3.99 -6.42 -5.35
C ALA B 30 5.43 -6.59 -5.84
N PRO B 31 5.57 -7.31 -6.98
CA PRO B 31 6.89 -7.55 -7.57
C PRO B 31 7.41 -6.29 -8.26
N ARG B 32 6.57 -5.26 -8.27
CA ARG B 32 6.94 -4.01 -8.89
C ARG B 32 5.74 -3.06 -8.94
N LYS B 33 5.87 -1.96 -8.22
CA LYS B 33 4.80 -0.97 -8.16
C LYS B 33 5.06 -0.02 -6.99
N LYS B 34 5.71 -0.55 -5.97
CA LYS B 34 6.03 0.26 -4.80
C LYS B 34 6.42 1.67 -5.23
N GLY B 35 5.61 2.63 -4.80
CA GLY B 35 5.87 4.02 -5.14
C GLY B 35 5.28 4.95 -4.08
N CYS B 36 5.92 6.10 -3.94
CA CYS B 36 5.47 7.09 -2.97
C CYS B 36 4.14 7.66 -3.44
N TRP B 37 3.08 7.25 -2.74
CA TRP B 37 1.75 7.71 -3.08
C TRP B 37 1.47 8.99 -2.29
N LYS B 38 2.54 9.55 -1.73
CA LYS B 38 2.43 10.76 -0.94
C LYS B 38 2.87 11.95 -1.79
N CYS B 39 3.86 11.70 -2.64
CA CYS B 39 4.38 12.74 -3.50
C CYS B 39 3.96 12.42 -4.94
N GLY B 40 4.06 11.15 -5.29
CA GLY B 40 3.68 10.70 -6.62
C GLY B 40 4.92 10.23 -7.41
N LYS B 41 5.90 9.75 -6.66
CA LYS B 41 7.13 9.27 -7.27
C LYS B 41 7.32 7.80 -6.91
N GLU B 42 7.37 6.96 -7.95
CA GLU B 42 7.54 5.53 -7.76
C GLU B 42 9.01 5.22 -7.47
N GLY B 43 9.22 4.06 -6.86
CA GLY B 43 10.57 3.63 -6.53
C GLY B 43 10.83 3.76 -5.03
N HIS B 44 10.11 4.69 -4.42
CA HIS B 44 10.25 4.93 -2.98
C HIS B 44 8.86 5.03 -2.34
N GLN B 45 8.88 5.33 -1.06
CA GLN B 45 7.63 5.47 -0.31
C GLN B 45 7.63 6.76 0.50
N MET B 46 6.44 7.15 0.95
CA MET B 46 6.30 8.36 1.74
C MET B 46 7.24 8.35 2.93
N LYS B 47 7.20 7.25 3.67
CA LYS B 47 8.05 7.10 4.84
C LYS B 47 9.51 7.33 4.45
N ASP B 48 9.77 7.20 3.15
CA ASP B 48 11.11 7.39 2.63
C ASP B 48 11.08 8.44 1.53
N CYS B 49 10.25 9.46 1.75
CA CYS B 49 10.12 10.54 0.79
C CYS B 49 11.35 11.45 0.91
N THR B 50 11.67 12.12 -0.19
CA THR B 50 12.81 13.01 -0.21
C THR B 50 12.38 14.44 0.18
N GLU B 51 11.10 14.71 -0.02
CA GLU B 51 10.54 16.01 0.29
C GLU B 51 9.59 15.91 1.49
N ARG B 52 10.13 15.40 2.59
CA ARG B 52 9.35 15.25 3.80
C ARG B 52 9.44 16.51 4.66
N GLN B 53 10.66 16.88 4.99
CA GLN B 53 10.90 18.06 5.80
C GLN B 53 12.30 18.62 5.55
N ALA B 54 12.41 19.93 5.59
CA ALA B 54 13.68 20.59 5.37
C ALA B 54 14.75 19.94 6.24
N ASN B 55 15.95 19.82 5.68
CA ASN B 55 17.05 19.22 6.39
C ASN B 55 17.47 20.14 7.55
N MET B 1 -13.14 -10.57 17.10
CA MET B 1 -13.74 -9.35 16.59
C MET B 1 -12.71 -8.49 15.85
N GLN B 2 -13.20 -7.80 14.83
CA GLN B 2 -12.33 -6.94 14.03
C GLN B 2 -11.43 -7.78 13.12
N LYS B 3 -10.64 -8.64 13.75
CA LYS B 3 -9.74 -9.51 13.01
C LYS B 3 -10.55 -10.39 12.05
N GLY B 4 -11.66 -10.89 12.58
CA GLY B 4 -12.53 -11.74 11.78
C GLY B 4 -13.03 -11.01 10.54
N ASN B 5 -12.98 -9.70 10.60
CA ASN B 5 -13.42 -8.87 9.49
C ASN B 5 -12.54 -9.16 8.27
N PHE B 6 -11.27 -9.41 8.53
CA PHE B 6 -10.33 -9.70 7.47
C PHE B 6 -10.76 -10.94 6.69
N ARG B 7 -11.71 -11.67 7.26
CA ARG B 7 -12.21 -12.87 6.61
C ARG B 7 -12.75 -12.55 5.22
N ASN B 8 -12.96 -11.26 4.99
CA ASN B 8 -13.48 -10.81 3.71
C ASN B 8 -12.51 -11.23 2.59
N GLN B 9 -11.32 -11.64 3.01
CA GLN B 9 -10.31 -12.07 2.07
C GLN B 9 -10.85 -13.17 1.16
N ARG B 10 -11.75 -13.96 1.71
CA ARG B 10 -12.36 -15.05 0.98
C ARG B 10 -13.00 -14.52 -0.32
N LYS B 11 -13.22 -13.21 -0.33
CA LYS B 11 -13.83 -12.57 -1.48
C LYS B 11 -12.98 -11.37 -1.89
N THR B 12 -11.67 -11.57 -1.87
CA THR B 12 -10.75 -10.51 -2.24
C THR B 12 -10.64 -9.49 -1.12
N VAL B 13 -9.49 -8.84 -1.05
CA VAL B 13 -9.24 -7.83 -0.03
C VAL B 13 -8.81 -6.53 -0.71
N LYS B 14 -8.42 -5.57 0.13
CA LYS B 14 -7.99 -4.28 -0.37
C LYS B 14 -6.59 -3.97 0.17
N CYS B 15 -5.66 -3.80 -0.75
CA CYS B 15 -4.28 -3.50 -0.37
C CYS B 15 -4.22 -2.04 0.07
N PHE B 16 -4.04 -1.85 1.37
CA PHE B 16 -3.96 -0.51 1.92
C PHE B 16 -2.63 0.17 1.54
N ASN B 17 -1.95 -0.46 0.60
CA ASN B 17 -0.68 0.07 0.14
C ASN B 17 -0.75 0.33 -1.37
N CYS B 18 -0.57 -0.72 -2.14
CA CYS B 18 -0.62 -0.61 -3.59
C CYS B 18 -2.06 -0.25 -3.99
N GLY B 19 -2.99 -0.61 -3.12
CA GLY B 19 -4.39 -0.33 -3.37
C GLY B 19 -5.09 -1.54 -4.00
N LYS B 20 -4.35 -2.23 -4.86
CA LYS B 20 -4.88 -3.40 -5.52
C LYS B 20 -5.60 -4.28 -4.50
N GLU B 21 -6.62 -4.98 -4.99
CA GLU B 21 -7.39 -5.87 -4.12
C GLU B 21 -6.93 -7.31 -4.30
N GLY B 22 -7.09 -8.08 -3.23
CA GLY B 22 -6.69 -9.48 -3.26
C GLY B 22 -5.75 -9.80 -2.08
N HIS B 23 -4.99 -8.79 -1.69
CA HIS B 23 -4.05 -8.96 -0.59
C HIS B 23 -3.89 -7.63 0.16
N ILE B 24 -3.14 -7.67 1.23
CA ILE B 24 -2.90 -6.48 2.04
C ILE B 24 -1.43 -6.08 1.91
N ALA B 25 -1.16 -4.84 2.28
CA ALA B 25 0.19 -4.31 2.21
C ALA B 25 1.12 -5.20 3.04
N LYS B 26 0.60 -5.65 4.17
CA LYS B 26 1.37 -6.51 5.06
C LYS B 26 2.17 -7.51 4.23
N ASN B 27 1.63 -7.83 3.05
CA ASN B 27 2.28 -8.77 2.16
C ASN B 27 1.95 -8.39 0.71
N CYS B 28 2.28 -7.17 0.35
CA CYS B 28 2.02 -6.68 -0.99
C CYS B 28 3.01 -7.35 -1.94
N ARG B 29 2.46 -8.08 -2.90
CA ARG B 29 3.28 -8.78 -3.88
C ARG B 29 4.06 -7.77 -4.72
N ALA B 30 3.51 -6.58 -4.84
CA ALA B 30 4.14 -5.52 -5.62
C ALA B 30 5.66 -5.58 -5.39
N PRO B 31 6.36 -6.20 -6.36
CA PRO B 31 7.81 -6.32 -6.28
C PRO B 31 8.49 -4.98 -6.58
N ARG B 32 8.00 -3.94 -5.93
CA ARG B 32 8.55 -2.61 -6.13
C ARG B 32 10.03 -2.58 -5.73
N LYS B 33 10.64 -1.42 -5.92
CA LYS B 33 12.05 -1.25 -5.58
C LYS B 33 12.24 0.09 -4.88
N LYS B 34 11.37 0.34 -3.90
CA LYS B 34 11.44 1.58 -3.15
C LYS B 34 11.01 2.75 -4.04
N GLY B 35 9.88 3.34 -3.68
CA GLY B 35 9.35 4.46 -4.44
C GLY B 35 8.27 5.20 -3.65
N CYS B 36 8.16 6.49 -3.92
CA CYS B 36 7.17 7.31 -3.25
C CYS B 36 5.78 6.93 -3.77
N TRP B 37 5.05 6.20 -2.94
CA TRP B 37 3.71 5.76 -3.31
C TRP B 37 2.72 6.84 -2.87
N LYS B 38 3.27 8.02 -2.59
CA LYS B 38 2.45 9.14 -2.17
C LYS B 38 2.29 10.12 -3.33
N CYS B 39 3.34 10.20 -4.14
CA CYS B 39 3.33 11.09 -5.29
C CYS B 39 3.29 10.24 -6.56
N GLY B 40 4.10 9.20 -6.56
CA GLY B 40 4.16 8.30 -7.71
C GLY B 40 5.53 8.37 -8.38
N LYS B 41 6.54 8.66 -7.57
CA LYS B 41 7.90 8.76 -8.08
C LYS B 41 8.79 7.77 -7.33
N GLU B 42 9.33 6.82 -8.08
CA GLU B 42 10.21 5.81 -7.50
C GLU B 42 11.57 6.40 -7.19
N GLY B 43 12.30 5.71 -6.32
CA GLY B 43 13.63 6.16 -5.93
C GLY B 43 13.62 6.74 -4.51
N HIS B 44 12.45 7.24 -4.13
CA HIS B 44 12.29 7.83 -2.81
C HIS B 44 10.99 7.33 -2.18
N GLN B 45 10.67 7.89 -1.02
CA GLN B 45 9.47 7.52 -0.32
C GLN B 45 8.71 8.76 0.15
N MET B 46 7.48 8.54 0.60
CA MET B 46 6.65 9.64 1.07
C MET B 46 7.38 10.46 2.14
N LYS B 47 8.06 9.75 3.02
CA LYS B 47 8.79 10.41 4.09
C LYS B 47 9.75 11.44 3.48
N ASP B 48 10.16 11.17 2.25
CA ASP B 48 11.07 12.06 1.56
C ASP B 48 10.44 12.48 0.22
N CYS B 49 9.12 12.55 0.22
CA CYS B 49 8.39 12.94 -0.98
C CYS B 49 9.00 14.23 -1.52
N THR B 50 8.88 14.40 -2.83
CA THR B 50 9.41 15.58 -3.48
C THR B 50 8.28 16.47 -3.98
N GLU B 51 7.11 15.85 -4.12
CA GLU B 51 5.93 16.58 -4.60
C GLU B 51 5.28 17.34 -3.44
N ARG B 52 4.88 16.58 -2.43
CA ARG B 52 4.24 17.18 -1.27
C ARG B 52 2.81 17.60 -1.60
N GLN B 53 2.69 18.44 -2.61
CA GLN B 53 1.39 18.94 -3.03
C GLN B 53 0.68 19.63 -1.87
N ALA B 54 -0.41 20.30 -2.21
CA ALA B 54 -1.20 21.00 -1.21
C ALA B 54 -2.54 21.42 -1.82
N ASN B 55 -3.58 20.74 -1.39
CA ASN B 55 -4.92 21.03 -1.89
C ASN B 55 -5.93 20.82 -0.76
N MET B 1 -11.92 -2.51 12.35
CA MET B 1 -11.81 -3.20 13.62
C MET B 1 -12.09 -4.69 13.45
N GLN B 2 -11.73 -5.46 14.47
CA GLN B 2 -11.93 -6.90 14.45
C GLN B 2 -11.11 -7.53 13.33
N LYS B 3 -10.19 -8.39 13.74
CA LYS B 3 -9.32 -9.08 12.79
C LYS B 3 -10.18 -9.94 11.85
N GLY B 4 -11.29 -10.41 12.40
CA GLY B 4 -12.20 -11.23 11.63
C GLY B 4 -12.68 -10.51 10.37
N ASN B 5 -12.64 -9.19 10.44
CA ASN B 5 -13.06 -8.36 9.32
C ASN B 5 -12.24 -8.74 8.08
N PHE B 6 -10.97 -9.02 8.31
CA PHE B 6 -10.08 -9.39 7.23
C PHE B 6 -10.57 -10.66 6.51
N ARG B 7 -11.50 -11.33 7.16
CA ARG B 7 -12.06 -12.55 6.60
C ARG B 7 -12.70 -12.26 5.24
N ASN B 8 -12.92 -10.98 4.99
CA ASN B 8 -13.51 -10.57 3.73
C ASN B 8 -12.60 -10.98 2.57
N GLN B 9 -11.38 -11.34 2.93
CA GLN B 9 -10.40 -11.76 1.93
C GLN B 9 -10.95 -12.94 1.13
N ARG B 10 -11.77 -13.75 1.79
CA ARG B 10 -12.36 -14.91 1.16
C ARG B 10 -13.15 -14.49 -0.08
N LYS B 11 -13.49 -13.21 -0.12
CA LYS B 11 -14.25 -12.68 -1.24
C LYS B 11 -13.53 -11.45 -1.80
N THR B 12 -12.20 -11.57 -1.87
CA THR B 12 -11.38 -10.49 -2.38
C THR B 12 -11.13 -9.44 -1.29
N VAL B 13 -9.98 -8.80 -1.40
CA VAL B 13 -9.62 -7.76 -0.43
C VAL B 13 -9.04 -6.56 -1.17
N LYS B 14 -8.83 -5.50 -0.42
CA LYS B 14 -8.27 -4.28 -0.99
C LYS B 14 -6.98 -3.91 -0.27
N CYS B 15 -5.94 -3.67 -1.07
CA CYS B 15 -4.64 -3.32 -0.52
C CYS B 15 -4.59 -1.79 -0.36
N PHE B 16 -4.58 -1.36 0.90
CA PHE B 16 -4.53 0.05 1.20
C PHE B 16 -3.09 0.57 1.19
N ASN B 17 -2.20 -0.26 0.65
CA ASN B 17 -0.79 0.10 0.58
C ASN B 17 -0.43 0.40 -0.88
N CYS B 18 -0.70 -0.57 -1.73
CA CYS B 18 -0.40 -0.42 -3.16
C CYS B 18 -1.70 -0.03 -3.88
N GLY B 19 -2.81 -0.41 -3.26
CA GLY B 19 -4.11 -0.12 -3.84
C GLY B 19 -4.73 -1.37 -4.47
N LYS B 20 -3.89 -2.11 -5.17
CA LYS B 20 -4.34 -3.33 -5.83
C LYS B 20 -5.24 -4.12 -4.88
N GLU B 21 -6.01 -5.03 -5.45
CA GLU B 21 -6.91 -5.85 -4.67
C GLU B 21 -6.48 -7.32 -4.71
N GLY B 22 -7.18 -8.12 -3.95
CA GLY B 22 -6.87 -9.55 -3.89
C GLY B 22 -6.02 -9.88 -2.65
N HIS B 23 -5.34 -8.86 -2.16
CA HIS B 23 -4.49 -9.02 -0.99
C HIS B 23 -4.46 -7.71 -0.19
N ILE B 24 -3.82 -7.79 0.96
CA ILE B 24 -3.70 -6.63 1.82
C ILE B 24 -2.23 -6.24 1.96
N ALA B 25 -2.01 -5.01 2.40
CA ALA B 25 -0.65 -4.51 2.57
C ALA B 25 0.13 -5.47 3.46
N LYS B 26 -0.55 -5.99 4.47
CA LYS B 26 0.06 -6.92 5.40
C LYS B 26 0.96 -7.88 4.62
N ASN B 27 0.60 -8.10 3.37
CA ASN B 27 1.36 -9.00 2.51
C ASN B 27 1.23 -8.54 1.06
N CYS B 28 1.62 -7.30 0.82
CA CYS B 28 1.55 -6.73 -0.51
C CYS B 28 2.68 -7.34 -1.36
N ARG B 29 2.40 -7.47 -2.65
CA ARG B 29 3.39 -8.03 -3.56
C ARG B 29 3.74 -7.01 -4.64
N ALA B 30 3.80 -5.75 -4.23
CA ALA B 30 4.13 -4.68 -5.15
C ALA B 30 5.25 -5.13 -6.09
N PRO B 31 5.28 -4.52 -7.29
CA PRO B 31 6.29 -4.86 -8.28
C PRO B 31 7.65 -4.25 -7.90
N ARG B 32 7.58 -3.03 -7.39
CA ARG B 32 8.80 -2.33 -6.99
C ARG B 32 9.04 -2.52 -5.49
N LYS B 33 10.28 -2.27 -5.09
CA LYS B 33 10.66 -2.41 -3.70
C LYS B 33 9.80 -1.49 -2.85
N LYS B 34 9.54 -0.31 -3.39
CA LYS B 34 8.72 0.68 -2.69
C LYS B 34 8.40 1.83 -3.63
N GLY B 35 7.10 2.09 -3.77
CA GLY B 35 6.64 3.17 -4.64
C GLY B 35 5.98 4.28 -3.83
N CYS B 36 6.68 5.40 -3.76
CA CYS B 36 6.18 6.55 -3.01
C CYS B 36 4.87 7.01 -3.67
N TRP B 37 3.78 6.75 -2.98
CA TRP B 37 2.47 7.12 -3.48
C TRP B 37 2.15 8.54 -2.98
N LYS B 38 3.18 9.19 -2.46
CA LYS B 38 3.03 10.54 -1.94
C LYS B 38 3.52 11.54 -3.00
N CYS B 39 4.60 11.17 -3.66
CA CYS B 39 5.18 12.02 -4.69
C CYS B 39 4.85 11.40 -6.06
N GLY B 40 4.89 10.09 -6.09
CA GLY B 40 4.61 9.36 -7.32
C GLY B 40 5.90 8.85 -7.97
N LYS B 41 6.90 8.63 -7.12
CA LYS B 41 8.19 8.15 -7.59
C LYS B 41 8.43 6.74 -7.04
N GLU B 42 8.96 5.88 -7.91
CA GLU B 42 9.25 4.50 -7.52
C GLU B 42 10.69 4.39 -7.03
N GLY B 43 10.92 3.34 -6.24
CA GLY B 43 12.24 3.10 -5.69
C GLY B 43 12.33 3.54 -4.23
N HIS B 44 11.44 4.47 -3.88
CA HIS B 44 11.40 4.98 -2.53
C HIS B 44 9.95 5.11 -2.06
N GLN B 45 9.79 5.62 -0.85
CA GLN B 45 8.46 5.79 -0.27
C GLN B 45 8.35 7.13 0.42
N MET B 46 7.13 7.47 0.80
CA MET B 46 6.87 8.74 1.48
C MET B 46 7.77 8.88 2.71
N LYS B 47 7.92 7.78 3.43
CA LYS B 47 8.74 7.77 4.62
C LYS B 47 10.14 8.28 4.28
N ASP B 48 10.54 8.03 3.04
CA ASP B 48 11.84 8.46 2.56
C ASP B 48 11.68 9.32 1.32
N CYS B 49 10.65 10.15 1.34
CA CYS B 49 10.37 11.04 0.23
C CYS B 49 11.56 12.00 0.05
N THR B 50 11.68 12.53 -1.15
CA THR B 50 12.76 13.45 -1.45
C THR B 50 12.24 14.64 -2.26
N GLU B 51 10.91 14.80 -2.24
CA GLU B 51 10.28 15.88 -2.98
C GLU B 51 9.42 16.71 -2.04
N ARG B 52 8.44 16.05 -1.42
CA ARG B 52 7.55 16.72 -0.50
C ARG B 52 6.74 17.79 -1.23
N GLN B 53 5.68 17.35 -1.90
CA GLN B 53 4.83 18.26 -2.64
C GLN B 53 5.67 19.34 -3.34
N ALA B 54 6.30 18.93 -4.43
CA ALA B 54 7.13 19.85 -5.19
C ALA B 54 6.25 20.85 -5.92
N ASN B 55 5.72 21.80 -5.16
CA ASN B 55 4.85 22.83 -5.73
C ASN B 55 5.44 24.21 -5.43
N MET B 1 -11.38 -1.50 12.40
CA MET B 1 -10.49 -2.01 13.43
C MET B 1 -10.70 -3.51 13.63
N GLN B 2 -11.95 -3.93 13.49
CA GLN B 2 -12.29 -5.33 13.64
C GLN B 2 -11.43 -6.20 12.73
N LYS B 3 -10.59 -7.01 13.36
CA LYS B 3 -9.71 -7.90 12.62
C LYS B 3 -10.54 -8.79 11.70
N GLY B 4 -11.72 -9.13 12.17
CA GLY B 4 -12.63 -9.98 11.40
C GLY B 4 -12.97 -9.34 10.05
N ASN B 5 -12.77 -8.03 9.99
CA ASN B 5 -13.05 -7.29 8.77
C ASN B 5 -12.22 -7.86 7.63
N PHE B 6 -11.01 -8.30 7.97
CA PHE B 6 -10.11 -8.86 6.99
C PHE B 6 -10.73 -10.10 6.33
N ARG B 7 -11.79 -10.60 6.95
CA ARG B 7 -12.48 -11.77 6.45
C ARG B 7 -12.98 -11.52 5.02
N ASN B 8 -12.99 -10.25 4.65
CA ASN B 8 -13.44 -9.86 3.32
C ASN B 8 -12.58 -10.56 2.28
N GLN B 9 -11.44 -11.06 2.73
CA GLN B 9 -10.52 -11.75 1.84
C GLN B 9 -11.22 -12.91 1.14
N ARG B 10 -12.21 -13.47 1.83
CA ARG B 10 -12.97 -14.58 1.29
C ARG B 10 -13.59 -14.19 -0.04
N LYS B 11 -13.79 -12.90 -0.23
CA LYS B 11 -14.38 -12.38 -1.45
C LYS B 11 -13.47 -11.28 -2.02
N THR B 12 -12.17 -11.52 -1.92
CA THR B 12 -11.21 -10.56 -2.41
C THR B 12 -11.07 -9.38 -1.44
N VAL B 13 -9.83 -9.18 -0.99
CA VAL B 13 -9.56 -8.09 -0.06
C VAL B 13 -9.10 -6.85 -0.85
N LYS B 14 -8.72 -5.83 -0.11
CA LYS B 14 -8.27 -4.60 -0.71
C LYS B 14 -6.94 -4.17 -0.06
N CYS B 15 -5.91 -4.10 -0.88
CA CYS B 15 -4.60 -3.70 -0.40
C CYS B 15 -4.55 -2.17 -0.32
N PHE B 16 -4.46 -1.69 0.92
CA PHE B 16 -4.41 -0.25 1.14
C PHE B 16 -2.98 0.28 0.98
N ASN B 17 -2.11 -0.59 0.48
CA ASN B 17 -0.72 -0.22 0.28
C ASN B 17 -0.47 -0.02 -1.22
N CYS B 18 -0.78 -1.07 -1.99
CA CYS B 18 -0.59 -1.01 -3.42
C CYS B 18 -1.90 -0.56 -4.06
N GLY B 19 -2.99 -0.91 -3.40
CA GLY B 19 -4.32 -0.56 -3.90
C GLY B 19 -5.01 -1.76 -4.51
N LYS B 20 -4.24 -2.59 -5.18
CA LYS B 20 -4.77 -3.79 -5.81
C LYS B 20 -5.68 -4.52 -4.83
N GLU B 21 -6.35 -5.54 -5.34
CA GLU B 21 -7.25 -6.33 -4.52
C GLU B 21 -6.85 -7.80 -4.55
N GLY B 22 -7.43 -8.56 -3.62
CA GLY B 22 -7.13 -9.99 -3.53
C GLY B 22 -6.23 -10.29 -2.34
N HIS B 23 -5.44 -9.29 -1.97
CA HIS B 23 -4.53 -9.44 -0.85
C HIS B 23 -4.40 -8.10 -0.12
N ILE B 24 -3.87 -8.19 1.10
CA ILE B 24 -3.69 -7.00 1.92
C ILE B 24 -2.20 -6.67 2.01
N ALA B 25 -1.92 -5.43 2.37
CA ALA B 25 -0.55 -4.96 2.50
C ALA B 25 0.22 -5.93 3.41
N LYS B 26 -0.47 -6.42 4.42
CA LYS B 26 0.13 -7.34 5.37
C LYS B 26 1.00 -8.35 4.61
N ASN B 27 0.61 -8.60 3.37
CA ASN B 27 1.35 -9.53 2.53
C ASN B 27 1.21 -9.11 1.07
N CYS B 28 1.61 -7.88 0.80
CA CYS B 28 1.54 -7.35 -0.55
C CYS B 28 2.62 -8.03 -1.39
N ARG B 29 2.32 -8.18 -2.68
CA ARG B 29 3.25 -8.80 -3.60
C ARG B 29 3.73 -7.79 -4.64
N ALA B 30 3.84 -6.55 -4.21
CA ALA B 30 4.29 -5.48 -5.09
C ALA B 30 5.40 -6.01 -6.00
N PRO B 31 5.53 -5.36 -7.19
CA PRO B 31 6.54 -5.75 -8.15
C PRO B 31 7.93 -5.28 -7.70
N ARG B 32 7.96 -4.63 -6.55
CA ARG B 32 9.20 -4.12 -6.00
C ARG B 32 9.70 -2.94 -6.83
N LYS B 33 9.83 -1.80 -6.16
CA LYS B 33 10.30 -0.59 -6.82
C LYS B 33 10.25 0.57 -5.83
N LYS B 34 11.17 0.54 -4.88
CA LYS B 34 11.23 1.59 -3.87
C LYS B 34 10.93 2.94 -4.53
N GLY B 35 9.82 3.53 -4.10
CA GLY B 35 9.40 4.81 -4.65
C GLY B 35 8.30 5.44 -3.78
N CYS B 36 8.10 6.73 -3.99
CA CYS B 36 7.08 7.45 -3.24
C CYS B 36 5.70 7.03 -3.78
N TRP B 37 4.99 6.27 -2.95
CA TRP B 37 3.67 5.79 -3.32
C TRP B 37 2.65 6.83 -2.84
N LYS B 38 3.15 8.02 -2.56
CA LYS B 38 2.29 9.10 -2.09
C LYS B 38 2.18 10.18 -3.18
N CYS B 39 3.27 10.35 -3.91
CA CYS B 39 3.31 11.33 -4.98
C CYS B 39 3.48 10.58 -6.31
N GLY B 40 4.34 9.58 -6.27
CA GLY B 40 4.62 8.79 -7.47
C GLY B 40 6.11 8.71 -7.74
N LYS B 41 6.79 9.84 -7.54
CA LYS B 41 8.22 9.91 -7.76
C LYS B 41 8.90 8.77 -7.00
N GLU B 42 9.58 7.91 -7.77
CA GLU B 42 10.27 6.78 -7.18
C GLU B 42 11.65 7.21 -6.67
N GLY B 43 12.32 6.27 -6.03
CA GLY B 43 13.64 6.54 -5.48
C GLY B 43 13.54 7.14 -4.08
N HIS B 44 12.34 7.58 -3.73
CA HIS B 44 12.10 8.17 -2.43
C HIS B 44 10.77 7.67 -1.88
N GLN B 45 10.44 8.15 -0.68
CA GLN B 45 9.20 7.76 -0.04
C GLN B 45 8.46 9.00 0.49
N MET B 46 7.20 8.78 0.84
CA MET B 46 6.38 9.86 1.37
C MET B 46 7.08 10.55 2.55
N LYS B 47 7.53 9.73 3.49
CA LYS B 47 8.21 10.25 4.67
C LYS B 47 9.39 11.11 4.24
N ASP B 48 9.79 10.93 2.98
CA ASP B 48 10.90 11.68 2.43
C ASP B 48 10.47 12.36 1.13
N CYS B 49 9.21 12.78 1.12
CA CYS B 49 8.65 13.45 -0.05
C CYS B 49 9.24 14.85 -0.12
N THR B 50 9.41 15.33 -1.34
CA THR B 50 9.95 16.66 -1.56
C THR B 50 9.04 17.46 -2.50
N GLU B 51 7.78 17.04 -2.55
CA GLU B 51 6.81 17.72 -3.39
C GLU B 51 6.31 18.99 -2.71
N ARG B 52 5.74 18.81 -1.54
CA ARG B 52 5.21 19.94 -0.79
C ARG B 52 3.91 20.45 -1.41
N GLN B 53 4.00 20.81 -2.68
CA GLN B 53 2.85 21.30 -3.40
C GLN B 53 3.02 21.09 -4.90
N ALA B 54 1.90 21.17 -5.62
CA ALA B 54 1.93 20.99 -7.06
C ALA B 54 2.39 19.56 -7.38
N ASN B 55 1.62 18.91 -8.25
CA ASN B 55 1.93 17.55 -8.64
C ASN B 55 0.89 17.06 -9.64
N MET B 1 -11.27 -1.52 11.86
CA MET B 1 -12.53 -2.22 11.84
C MET B 1 -12.40 -3.63 12.42
N GLN B 2 -13.52 -4.17 12.85
CA GLN B 2 -13.54 -5.51 13.42
C GLN B 2 -12.60 -6.44 12.64
N LYS B 3 -11.84 -7.22 13.38
CA LYS B 3 -10.91 -8.15 12.78
C LYS B 3 -11.67 -9.11 11.86
N GLY B 4 -12.83 -9.54 12.35
CA GLY B 4 -13.65 -10.46 11.58
C GLY B 4 -14.02 -9.86 10.22
N ASN B 5 -14.03 -8.54 10.17
CA ASN B 5 -14.36 -7.84 8.94
C ASN B 5 -13.41 -8.27 7.83
N PHE B 6 -12.17 -8.53 8.23
CA PHE B 6 -11.15 -8.96 7.28
C PHE B 6 -11.56 -10.27 6.59
N ARG B 7 -12.57 -10.91 7.17
CA ARG B 7 -13.05 -12.17 6.64
C ARG B 7 -13.54 -11.98 5.20
N ASN B 8 -13.71 -10.72 4.82
CA ASN B 8 -14.17 -10.39 3.49
C ASN B 8 -13.15 -10.90 2.47
N GLN B 9 -11.98 -11.24 2.97
CA GLN B 9 -10.91 -11.75 2.12
C GLN B 9 -11.39 -12.97 1.33
N ARG B 10 -12.33 -13.69 1.93
CA ARG B 10 -12.88 -14.88 1.30
C ARG B 10 -13.46 -14.52 -0.07
N LYS B 11 -13.75 -13.24 -0.25
CA LYS B 11 -14.31 -12.76 -1.50
C LYS B 11 -13.48 -11.59 -2.01
N THR B 12 -12.16 -11.72 -1.87
CA THR B 12 -11.25 -10.68 -2.31
C THR B 12 -11.11 -9.61 -1.23
N VAL B 13 -9.94 -8.99 -1.22
CA VAL B 13 -9.66 -7.95 -0.24
C VAL B 13 -9.21 -6.67 -0.97
N LYS B 14 -8.84 -5.67 -0.18
CA LYS B 14 -8.40 -4.41 -0.73
C LYS B 14 -7.08 -4.01 -0.08
N CYS B 15 -6.07 -3.83 -0.92
CA CYS B 15 -4.75 -3.45 -0.43
C CYS B 15 -4.68 -1.92 -0.40
N PHE B 16 -4.59 -1.40 0.81
CA PHE B 16 -4.52 0.04 1.01
C PHE B 16 -3.08 0.55 0.82
N ASN B 17 -2.22 -0.37 0.40
CA ASN B 17 -0.82 -0.03 0.18
C ASN B 17 -0.57 0.13 -1.32
N CYS B 18 -0.86 -0.92 -2.07
CA CYS B 18 -0.67 -0.91 -3.51
C CYS B 18 -1.98 -0.45 -4.16
N GLY B 19 -3.08 -0.81 -3.52
CA GLY B 19 -4.39 -0.44 -4.01
C GLY B 19 -5.11 -1.65 -4.60
N LYS B 20 -4.33 -2.51 -5.24
CA LYS B 20 -4.89 -3.71 -5.85
C LYS B 20 -5.79 -4.42 -4.84
N GLU B 21 -6.43 -5.49 -5.31
CA GLU B 21 -7.32 -6.26 -4.45
C GLU B 21 -6.90 -7.73 -4.45
N GLY B 22 -7.35 -8.44 -3.43
CA GLY B 22 -7.03 -9.85 -3.30
C GLY B 22 -6.15 -10.10 -2.07
N HIS B 23 -5.31 -9.12 -1.77
CA HIS B 23 -4.42 -9.22 -0.62
C HIS B 23 -4.34 -7.88 0.09
N ILE B 24 -3.72 -7.90 1.26
CA ILE B 24 -3.57 -6.68 2.05
C ILE B 24 -2.10 -6.29 2.11
N ALA B 25 -1.86 -5.05 2.48
CA ALA B 25 -0.51 -4.53 2.58
C ALA B 25 0.31 -5.45 3.51
N LYS B 26 -0.37 -5.94 4.53
CA LYS B 26 0.28 -6.82 5.49
C LYS B 26 1.18 -7.81 4.76
N ASN B 27 0.79 -8.10 3.53
CA ASN B 27 1.55 -9.03 2.70
C ASN B 27 1.39 -8.65 1.23
N CYS B 28 1.74 -7.41 0.93
CA CYS B 28 1.64 -6.91 -0.43
C CYS B 28 2.75 -7.55 -1.26
N ARG B 29 2.45 -7.76 -2.53
CA ARG B 29 3.42 -8.37 -3.44
C ARG B 29 3.63 -7.47 -4.66
N ALA B 30 3.60 -6.18 -4.42
CA ALA B 30 3.79 -5.21 -5.48
C ALA B 30 5.22 -5.32 -6.02
N PRO B 31 5.32 -5.34 -7.38
CA PRO B 31 6.62 -5.44 -8.03
C PRO B 31 7.36 -4.11 -7.96
N ARG B 32 7.44 -3.57 -6.75
CA ARG B 32 8.13 -2.31 -6.54
C ARG B 32 9.23 -2.48 -5.48
N LYS B 33 10.31 -1.73 -5.68
CA LYS B 33 11.43 -1.79 -4.76
C LYS B 33 11.27 -0.71 -3.69
N LYS B 34 11.50 0.53 -4.10
CA LYS B 34 11.38 1.65 -3.19
C LYS B 34 11.00 2.90 -3.99
N GLY B 35 9.81 3.41 -3.68
CA GLY B 35 9.31 4.60 -4.35
C GLY B 35 8.22 5.28 -3.53
N CYS B 36 8.10 6.59 -3.72
CA CYS B 36 7.11 7.37 -3.00
C CYS B 36 5.73 7.01 -3.55
N TRP B 37 4.99 6.23 -2.78
CA TRP B 37 3.66 5.81 -3.17
C TRP B 37 2.67 6.86 -2.67
N LYS B 38 3.20 8.01 -2.31
CA LYS B 38 2.38 9.09 -1.81
C LYS B 38 2.22 10.16 -2.90
N CYS B 39 3.28 10.30 -3.69
CA CYS B 39 3.27 11.27 -4.77
C CYS B 39 3.23 10.52 -6.09
N GLY B 40 4.06 9.49 -6.17
CA GLY B 40 4.14 8.68 -7.37
C GLY B 40 5.51 8.80 -8.03
N LYS B 41 6.51 9.03 -7.20
CA LYS B 41 7.87 9.18 -7.68
C LYS B 41 8.77 8.14 -6.99
N GLU B 42 9.32 7.25 -7.79
CA GLU B 42 10.20 6.21 -7.26
C GLU B 42 11.56 6.81 -6.90
N GLY B 43 12.31 6.03 -6.12
CA GLY B 43 13.63 6.46 -5.69
C GLY B 43 13.60 6.97 -4.24
N HIS B 44 12.42 7.40 -3.83
CA HIS B 44 12.24 7.89 -2.48
C HIS B 44 10.93 7.36 -1.90
N GLN B 45 10.60 7.84 -0.71
CA GLN B 45 9.39 7.42 -0.04
C GLN B 45 8.62 8.62 0.49
N MET B 46 7.39 8.37 0.91
CA MET B 46 6.54 9.43 1.44
C MET B 46 7.26 10.19 2.58
N LYS B 47 7.91 9.42 3.44
CA LYS B 47 8.62 9.99 4.57
C LYS B 47 9.61 11.04 4.05
N ASP B 48 10.01 10.85 2.79
CA ASP B 48 10.95 11.77 2.17
C ASP B 48 10.36 12.30 0.87
N CYS B 49 9.04 12.44 0.87
CA CYS B 49 8.34 12.93 -0.31
C CYS B 49 8.94 14.29 -0.68
N THR B 50 8.86 14.59 -1.97
CA THR B 50 9.39 15.85 -2.47
C THR B 50 8.32 16.59 -3.29
N GLU B 51 7.07 16.26 -2.99
CA GLU B 51 5.96 16.89 -3.68
C GLU B 51 4.64 16.59 -2.95
N ARG B 52 4.55 17.13 -1.74
CA ARG B 52 3.36 16.94 -0.92
C ARG B 52 2.28 17.94 -1.33
N GLN B 53 1.03 17.46 -1.33
CA GLN B 53 -0.09 18.30 -1.69
C GLN B 53 -1.38 17.49 -1.63
N ALA B 54 -2.31 17.98 -0.81
CA ALA B 54 -3.59 17.32 -0.65
C ALA B 54 -4.46 17.57 -1.89
N ASN B 55 -4.12 16.85 -2.95
CA ASN B 55 -4.84 16.98 -4.20
C ASN B 55 -4.19 16.10 -5.27
N MET B 1 -13.03 -5.00 16.85
CA MET B 1 -13.66 -4.57 15.61
C MET B 1 -12.66 -3.90 14.68
N GLN B 2 -11.94 -4.73 13.95
CA GLN B 2 -10.94 -4.24 13.01
C GLN B 2 -10.24 -5.40 12.30
N LYS B 3 -9.62 -6.25 13.11
CA LYS B 3 -8.92 -7.41 12.57
C LYS B 3 -9.90 -8.28 11.81
N GLY B 4 -11.07 -8.47 12.39
CA GLY B 4 -12.11 -9.28 11.77
C GLY B 4 -12.48 -8.73 10.40
N ASN B 5 -12.16 -7.46 10.19
CA ASN B 5 -12.46 -6.81 8.93
C ASN B 5 -11.70 -7.51 7.80
N PHE B 6 -10.48 -7.92 8.12
CA PHE B 6 -9.64 -8.59 7.16
C PHE B 6 -10.30 -9.88 6.66
N ARG B 7 -11.32 -10.30 7.40
CA ARG B 7 -12.05 -11.51 7.06
C ARG B 7 -12.63 -11.40 5.65
N ASN B 8 -12.67 -10.17 5.16
CA ASN B 8 -13.21 -9.92 3.83
C ASN B 8 -12.40 -10.71 2.80
N GLN B 9 -11.24 -11.16 3.22
CA GLN B 9 -10.37 -11.93 2.35
C GLN B 9 -11.11 -13.15 1.80
N ARG B 10 -12.04 -13.64 2.61
CA ARG B 10 -12.82 -14.81 2.23
C ARG B 10 -13.52 -14.56 0.89
N LYS B 11 -13.74 -13.28 0.60
CA LYS B 11 -14.40 -12.90 -0.64
C LYS B 11 -13.54 -11.85 -1.36
N THR B 12 -12.24 -12.07 -1.32
CA THR B 12 -11.31 -11.16 -1.96
C THR B 12 -11.11 -9.90 -1.11
N VAL B 13 -9.86 -9.64 -0.75
CA VAL B 13 -9.55 -8.48 0.06
C VAL B 13 -9.16 -7.31 -0.86
N LYS B 14 -8.76 -6.22 -0.23
CA LYS B 14 -8.35 -5.04 -0.98
C LYS B 14 -7.07 -4.46 -0.37
N CYS B 15 -6.04 -4.39 -1.19
CA CYS B 15 -4.76 -3.87 -0.75
C CYS B 15 -4.85 -2.34 -0.73
N PHE B 16 -4.81 -1.79 0.48
CA PHE B 16 -4.89 -0.35 0.66
C PHE B 16 -3.53 0.30 0.48
N ASN B 17 -2.57 -0.51 0.04
CA ASN B 17 -1.22 -0.03 -0.18
C ASN B 17 -0.99 0.17 -1.67
N CYS B 18 -1.20 -0.90 -2.42
CA CYS B 18 -1.02 -0.84 -3.87
C CYS B 18 -2.36 -0.49 -4.51
N GLY B 19 -3.43 -0.95 -3.86
CA GLY B 19 -4.78 -0.70 -4.36
C GLY B 19 -5.41 -1.97 -4.90
N LYS B 20 -4.59 -2.79 -5.53
CA LYS B 20 -5.06 -4.04 -6.11
C LYS B 20 -5.92 -4.77 -5.07
N GLU B 21 -6.56 -5.83 -5.53
CA GLU B 21 -7.43 -6.62 -4.66
C GLU B 21 -6.95 -8.08 -4.62
N GLY B 22 -7.39 -8.78 -3.59
CA GLY B 22 -7.02 -10.18 -3.43
C GLY B 22 -6.11 -10.37 -2.21
N HIS B 23 -5.32 -9.35 -1.94
CA HIS B 23 -4.41 -9.39 -0.81
C HIS B 23 -4.38 -8.02 -0.12
N ILE B 24 -3.67 -7.97 1.00
CA ILE B 24 -3.55 -6.73 1.75
C ILE B 24 -2.09 -6.30 1.79
N ALA B 25 -1.88 -5.04 2.13
CA ALA B 25 -0.54 -4.48 2.21
C ALA B 25 0.31 -5.36 3.13
N LYS B 26 -0.33 -5.83 4.20
CA LYS B 26 0.36 -6.67 5.15
C LYS B 26 1.28 -7.65 4.42
N ASN B 27 0.87 -7.98 3.20
CA ASN B 27 1.64 -8.89 2.38
C ASN B 27 1.42 -8.56 0.90
N CYS B 28 1.73 -7.32 0.55
CA CYS B 28 1.58 -6.87 -0.81
C CYS B 28 2.67 -7.51 -1.67
N ARG B 29 2.25 -8.07 -2.80
CA ARG B 29 3.18 -8.72 -3.70
C ARG B 29 4.15 -7.69 -4.29
N ALA B 30 3.63 -6.49 -4.50
CA ALA B 30 4.44 -5.41 -5.07
C ALA B 30 5.85 -5.48 -4.46
N PRO B 31 6.78 -6.07 -5.26
CA PRO B 31 8.16 -6.20 -4.82
C PRO B 31 8.89 -4.86 -4.90
N ARG B 32 8.25 -3.84 -4.35
CA ARG B 32 8.83 -2.50 -4.35
C ARG B 32 9.95 -2.41 -3.31
N LYS B 33 11.15 -2.15 -3.82
CA LYS B 33 12.31 -2.02 -2.96
C LYS B 33 12.16 -0.80 -2.06
N LYS B 34 11.91 0.34 -2.70
CA LYS B 34 11.74 1.59 -1.97
C LYS B 34 11.30 2.69 -2.95
N GLY B 35 10.09 3.18 -2.73
CA GLY B 35 9.55 4.23 -3.58
C GLY B 35 8.39 4.95 -2.89
N CYS B 36 8.23 6.22 -3.25
CA CYS B 36 7.17 7.02 -2.67
C CYS B 36 5.85 6.63 -3.33
N TRP B 37 5.03 5.94 -2.57
CA TRP B 37 3.73 5.49 -3.06
C TRP B 37 2.71 6.59 -2.77
N LYS B 38 3.23 7.76 -2.42
CA LYS B 38 2.38 8.89 -2.11
C LYS B 38 2.35 9.85 -3.31
N CYS B 39 3.49 9.96 -3.97
CA CYS B 39 3.59 10.84 -5.13
C CYS B 39 3.73 9.96 -6.37
N GLY B 40 4.53 8.91 -6.24
CA GLY B 40 4.75 7.99 -7.35
C GLY B 40 6.19 8.09 -7.88
N LYS B 41 7.09 8.48 -6.98
CA LYS B 41 8.48 8.63 -7.34
C LYS B 41 9.33 7.63 -6.53
N GLU B 42 9.95 6.72 -7.25
CA GLU B 42 10.79 5.71 -6.61
C GLU B 42 12.10 6.33 -6.13
N GLY B 43 12.69 5.69 -5.13
CA GLY B 43 13.95 6.17 -4.57
C GLY B 43 13.73 6.72 -3.16
N HIS B 44 12.54 7.24 -2.93
CA HIS B 44 12.20 7.79 -1.63
C HIS B 44 10.85 7.24 -1.17
N GLN B 45 10.40 7.74 -0.02
CA GLN B 45 9.14 7.29 0.53
C GLN B 45 8.30 8.51 0.96
N MET B 46 7.04 8.24 1.27
CA MET B 46 6.12 9.28 1.69
C MET B 46 6.71 10.09 2.85
N LYS B 47 7.15 9.36 3.87
CA LYS B 47 7.74 9.99 5.04
C LYS B 47 8.89 10.88 4.62
N ASP B 48 9.38 10.63 3.40
CA ASP B 48 10.48 11.41 2.87
C ASP B 48 10.07 11.99 1.51
N CYS B 49 8.81 12.39 1.43
CA CYS B 49 8.29 12.97 0.20
C CYS B 49 8.71 14.44 0.14
N THR B 50 8.91 14.91 -1.08
CA THR B 50 9.31 16.29 -1.30
C THR B 50 8.57 16.89 -2.50
N GLU B 51 7.37 16.38 -2.71
CA GLU B 51 6.55 16.85 -3.83
C GLU B 51 5.09 16.98 -3.39
N ARG B 52 4.87 17.82 -2.39
CA ARG B 52 3.52 18.03 -1.88
C ARG B 52 3.35 19.49 -1.44
N GLN B 53 2.11 19.85 -1.20
CA GLN B 53 1.80 21.21 -0.76
C GLN B 53 1.78 21.29 0.76
N ALA B 54 2.45 22.31 1.28
CA ALA B 54 2.52 22.52 2.71
C ALA B 54 1.29 23.29 3.17
N ASN B 55 0.44 22.60 3.92
CA ASN B 55 -0.78 23.20 4.44
C ASN B 55 -0.98 22.78 5.89
N MET B 1 -9.78 -5.24 15.91
CA MET B 1 -11.21 -5.14 16.08
C MET B 1 -11.95 -5.99 15.04
N GLN B 2 -12.91 -6.76 15.51
CA GLN B 2 -13.69 -7.62 14.63
C GLN B 2 -12.78 -8.25 13.57
N LYS B 3 -11.90 -9.11 14.01
CA LYS B 3 -10.97 -9.77 13.11
C LYS B 3 -11.77 -10.54 12.06
N GLY B 4 -12.97 -10.94 12.44
CA GLY B 4 -13.84 -11.68 11.54
C GLY B 4 -14.13 -10.87 10.27
N ASN B 5 -13.87 -9.57 10.36
CA ASN B 5 -14.10 -8.68 9.24
C ASN B 5 -13.29 -9.17 8.04
N PHE B 6 -12.12 -9.70 8.32
CA PHE B 6 -11.24 -10.20 7.28
C PHE B 6 -11.93 -11.30 6.48
N ARG B 7 -13.02 -11.80 7.03
CA ARG B 7 -13.78 -12.86 6.38
C ARG B 7 -14.20 -12.42 4.97
N ASN B 8 -14.14 -11.12 4.75
CA ASN B 8 -14.51 -10.56 3.46
C ASN B 8 -13.59 -11.12 2.39
N GLN B 9 -12.50 -11.72 2.84
CA GLN B 9 -11.53 -12.32 1.92
C GLN B 9 -12.21 -13.33 1.01
N ARG B 10 -13.23 -13.97 1.55
CA ARG B 10 -13.99 -14.97 0.80
C ARG B 10 -14.56 -14.34 -0.48
N LYS B 11 -14.75 -13.03 -0.41
CA LYS B 11 -15.30 -12.31 -1.54
C LYS B 11 -14.29 -11.25 -2.01
N THR B 12 -13.02 -11.52 -1.73
CA THR B 12 -11.96 -10.61 -2.11
C THR B 12 -11.81 -9.52 -1.06
N VAL B 13 -10.59 -9.37 -0.58
CA VAL B 13 -10.29 -8.36 0.42
C VAL B 13 -9.91 -7.06 -0.27
N LYS B 14 -9.46 -6.10 0.53
CA LYS B 14 -9.06 -4.81 0.01
C LYS B 14 -7.67 -4.45 0.56
N CYS B 15 -6.70 -4.46 -0.33
CA CYS B 15 -5.33 -4.14 0.04
C CYS B 15 -5.22 -2.63 0.24
N PHE B 16 -5.00 -2.24 1.48
CA PHE B 16 -4.88 -0.83 1.82
C PHE B 16 -3.48 -0.31 1.50
N ASN B 17 -2.76 -1.08 0.69
CA ASN B 17 -1.41 -0.71 0.30
C ASN B 17 -1.38 -0.46 -1.21
N CYS B 18 -1.59 -1.54 -1.96
CA CYS B 18 -1.58 -1.45 -3.42
C CYS B 18 -2.96 -0.98 -3.87
N GLY B 19 -3.92 -1.09 -2.96
CA GLY B 19 -5.28 -0.68 -3.27
C GLY B 19 -5.99 -1.71 -4.14
N LYS B 20 -5.45 -2.92 -4.13
CA LYS B 20 -6.02 -4.00 -4.91
C LYS B 20 -7.04 -4.76 -4.06
N GLU B 21 -7.50 -5.89 -4.61
CA GLU B 21 -8.47 -6.70 -3.91
C GLU B 21 -8.06 -8.17 -3.97
N GLY B 22 -8.45 -8.91 -2.94
CA GLY B 22 -8.14 -10.33 -2.86
C GLY B 22 -7.13 -10.60 -1.75
N HIS B 23 -6.27 -9.62 -1.51
CA HIS B 23 -5.25 -9.74 -0.49
C HIS B 23 -5.10 -8.41 0.25
N ILE B 24 -4.41 -8.46 1.37
CA ILE B 24 -4.19 -7.27 2.18
C ILE B 24 -2.69 -6.95 2.20
N ALA B 25 -2.38 -5.68 2.46
CA ALA B 25 -1.00 -5.25 2.52
C ALA B 25 -0.23 -6.12 3.49
N LYS B 26 -0.91 -6.50 4.57
CA LYS B 26 -0.30 -7.34 5.59
C LYS B 26 0.53 -8.42 4.91
N ASN B 27 0.12 -8.79 3.70
CA ASN B 27 0.81 -9.81 2.94
C ASN B 27 0.64 -9.53 1.45
N CYS B 28 1.06 -8.33 1.06
CA CYS B 28 0.98 -7.92 -0.33
C CYS B 28 1.99 -8.74 -1.14
N ARG B 29 1.69 -8.89 -2.42
CA ARG B 29 2.56 -9.64 -3.31
C ARG B 29 3.38 -8.69 -4.19
N ALA B 30 3.50 -7.46 -3.71
CA ALA B 30 4.25 -6.44 -4.44
C ALA B 30 5.74 -6.71 -4.28
N PRO B 31 6.40 -7.01 -5.43
CA PRO B 31 7.83 -7.29 -5.44
C PRO B 31 8.63 -6.00 -5.26
N ARG B 32 8.27 -5.24 -4.24
CA ARG B 32 8.95 -3.98 -3.96
C ARG B 32 9.82 -4.13 -2.72
N LYS B 33 11.04 -3.61 -2.83
CA LYS B 33 11.99 -3.66 -1.72
C LYS B 33 11.80 -2.44 -0.83
N LYS B 34 12.24 -1.30 -1.34
CA LYS B 34 12.13 -0.06 -0.60
C LYS B 34 12.00 1.11 -1.59
N GLY B 35 10.84 1.75 -1.56
CA GLY B 35 10.58 2.87 -2.44
C GLY B 35 9.37 3.68 -1.96
N CYS B 36 9.37 4.95 -2.32
CA CYS B 36 8.28 5.83 -1.93
C CYS B 36 7.04 5.48 -2.76
N TRP B 37 6.10 4.82 -2.11
CA TRP B 37 4.88 4.41 -2.78
C TRP B 37 3.86 5.55 -2.63
N LYS B 38 4.38 6.72 -2.28
CA LYS B 38 3.54 7.89 -2.11
C LYS B 38 3.72 8.82 -3.31
N CYS B 39 4.94 8.85 -3.81
CA CYS B 39 5.26 9.69 -4.96
C CYS B 39 5.51 8.78 -6.16
N GLY B 40 6.27 7.73 -5.92
CA GLY B 40 6.59 6.78 -6.98
C GLY B 40 8.09 6.79 -7.27
N LYS B 41 8.87 7.09 -6.25
CA LYS B 41 10.31 7.13 -6.39
C LYS B 41 10.95 6.13 -5.43
N GLU B 42 11.59 5.12 -6.00
CA GLU B 42 12.24 4.11 -5.20
C GLU B 42 13.51 4.66 -4.55
N GLY B 43 13.94 3.99 -3.50
CA GLY B 43 15.15 4.40 -2.79
C GLY B 43 14.79 5.03 -1.45
N HIS B 44 13.61 5.61 -1.40
CA HIS B 44 13.14 6.25 -0.18
C HIS B 44 11.69 5.84 0.10
N GLN B 45 11.12 6.45 1.12
CA GLN B 45 9.75 6.15 1.51
C GLN B 45 8.97 7.44 1.73
N MET B 46 7.65 7.28 1.85
CA MET B 46 6.78 8.43 2.05
C MET B 46 7.24 9.25 3.25
N LYS B 47 7.60 8.55 4.32
CA LYS B 47 8.06 9.21 5.54
C LYS B 47 9.21 10.16 5.19
N ASP B 48 9.89 9.85 4.10
CA ASP B 48 11.00 10.65 3.65
C ASP B 48 10.78 11.06 2.19
N CYS B 49 9.52 11.28 1.85
CA CYS B 49 9.16 11.67 0.50
C CYS B 49 9.90 12.96 0.16
N THR B 50 10.18 13.13 -1.12
CA THR B 50 10.87 14.32 -1.59
C THR B 50 9.87 15.45 -1.89
N GLU B 51 8.66 15.04 -2.21
CA GLU B 51 7.61 16.00 -2.52
C GLU B 51 6.42 15.82 -1.57
N ARG B 52 6.71 16.04 -0.28
CA ARG B 52 5.68 15.91 0.73
C ARG B 52 4.55 16.89 0.47
N GLN B 53 3.34 16.34 0.37
CA GLN B 53 2.16 17.14 0.11
C GLN B 53 2.13 17.59 -1.34
N ALA B 54 3.17 18.31 -1.74
CA ALA B 54 3.27 18.80 -3.10
C ALA B 54 2.12 19.77 -3.38
N ASN B 55 2.27 20.99 -2.89
CA ASN B 55 1.25 22.01 -3.08
C ASN B 55 -0.07 21.52 -2.45
#